data_8FLS
#
_entry.id   8FLS
#
_cell.length_a   1.00
_cell.length_b   1.00
_cell.length_c   1.00
_cell.angle_alpha   90.00
_cell.angle_beta   90.00
_cell.angle_gamma   90.00
#
_symmetry.space_group_name_H-M   'P 1'
#
loop_
_entity.id
_entity.type
_entity.pdbx_description
1 polymer 'Guanine nucleotide-binding protein G(s) subunit alpha isoforms short'
2 polymer 'Guanine nucleotide-binding protein G(I)/G(S)/G(T) subunit beta-1'
3 polymer 'Guanine nucleotide-binding protein G(I)/G(S)/G(O) subunit gamma-2'
4 polymer Nanobody35
5 polymer Abaloparatide
6 polymer 'Parathyroid hormone/parathyroid hormone-related peptide receptor'
#
loop_
_entity_poly.entity_id
_entity_poly.type
_entity_poly.pdbx_seq_one_letter_code
_entity_poly.pdbx_strand_id
1 'polypeptide(L)'
;MGCLGNSKTEDQRNEEKAQREANKKIEKQLQKDKQVYRATHRLLLLGAGESGKNTIVKQMRILHVNGFNGEGGEEDPQAA
RSNSDGEKATKVQDIKNNLKEAIETIVAAMSNLVPPVELANPENQFRVDYILSVMNVPDFDFPPEFYEHAKALWEDEGVR
ACYERSNEYQLIDCAQYFLDKIDVIKQADYVPSDQDLLRCRVLTSGIFETKFQVDKVNFHMFDVGAQRDERRKWIQCFND
VTAIIFVVASSSYNMVIREDNQTNRLQAALKLFDSIWNNKWLRDTSVILFLNKQDLLAEKVLAGKSKIEDYFPEFARYTT
PEDATPEPGEDPRVTRAKYFIRDEFLRISTASGDGRHYCYPHFTCAVDTENIRRVFNDCRDIIQRMHLRQYELL
;
A
2 'polypeptide(L)'
;QSELDQLRQEAEQLKNQIRDARKACADATLSQITNNIDPVGRIQMRTRRTLRGHLAKIYAMHWGTDSRLLVSASQDGKLI
IWDSYTTNKVHAIPLRSSWVMTCAYAPSGNYVACGGLDNICSIYNLKTREGNVRVSRELAGHTGYLSCCRFLDDNQIVTS
SGDTTCALWDIETGQQTTTFTGHTGDVMSLSLAPDTRLFVSGACDASAKLWDVREGMCRQTFTGHESDINAICFFPNGNA
FATGSDDATCRLFDLRADQELMTYSHDNIICGITSVSFSKSGRLLLAGYDDFNCNVWDALKADRAGVLAGHDNRVSCLGV
TDDGMAVATGSWDSFLKIWN
;
B
3 'polypeptide(L)' NTASIAQARKLVEQLKMEANIDRIKVSKAAADLMAYCEAHAKEDPLLTPVPASENPFR G
4 'polypeptide(L)'
;QVQLQESGGGLVQPGGSLRLSCAASGFTFSNYKMNWVRQAPGKGLEWVSDISQSGASISYTGSVKGRFTISRDNAKNTLY
LQMNSLKPEDTAVYYCARCPAPFTRDCFDVTSTTYAYRGQGTQVTVSS
;
N
5 'polypeptide(L)' AVSEHQLLHDKGKSIQDLRRRELLEKLL(AIB)KLHTA P
6 'polypeptide(L)'
;MKTIIALSYIFCLVFADYKDDDDLEVLFQGPADDVMTKEEQIFLLHRAQAQCEKRLKEVLQRPASIMESDKGWTSASTSG
KPRKDKASGKLYPESEEDKEAPTGSRYRGRPCLPEWDHILCWPLGAPGEVVAVPCPDYIYDFNHKGHAYRRCDRNGSWEL
VPGHNRTWANYSECVKFLTNETREREVFDRLGMIYTVGYSVSLASLTVAVLILAYFRRLHCTRNYIHMHLFLSFMLRAVS
IFVKDAVLYSGATLDEAERLTEEELRAIAQAPPPPATAAAGYAGCRVAVTFFLYFLATNYYWILVEGLYLHSLIFMAFFS
EKKYLWGFTVFGWGLPAVFVAVWVSVRATLANTGCWDLSSGNKKWIIQVPILASIVLNFILFINIVRVLATKLRETNAGR
CDTRQQYRKLLKSTLVLMPLFGVHYIVFMATPYTEVSGTLWQVQMHYEMLFNSFQGFFVAIIYCFCNGEVQAEIKKSWSR
WTLALDFKRKARSGSSSYSYGPMVSHTSVTNVGPRVGLGLPLSPRLLPTATTNGHPQLPGHAKPGTPALETLETTPPAMA
APKDDGFLNGSCSGLDEEASGPERPPALLQEEWETVMPAGLEVLFQGPHHHHHHHH
;
R
#
# COMPACT_ATOMS: atom_id res chain seq x y z
N ARG A 13 10.59 34.41 21.08
CA ARG A 13 11.45 33.24 21.03
C ARG A 13 11.14 32.28 22.17
N ASN A 14 10.74 32.84 23.32
CA ASN A 14 10.38 32.01 24.45
C ASN A 14 9.15 31.17 24.15
N GLU A 15 8.15 31.77 23.49
CA GLU A 15 6.96 31.02 23.09
C GLU A 15 7.32 29.93 22.09
N GLU A 16 8.20 30.24 21.14
CA GLU A 16 8.64 29.23 20.18
C GLU A 16 9.39 28.10 20.88
N LYS A 17 10.22 28.43 21.87
CA LYS A 17 10.94 27.39 22.61
C LYS A 17 9.99 26.49 23.38
N ALA A 18 8.99 27.09 24.06
CA ALA A 18 8.02 26.28 24.78
C ALA A 18 7.22 25.40 23.83
N GLN A 19 6.82 25.95 22.68
CA GLN A 19 6.08 25.16 21.70
C GLN A 19 6.93 24.00 21.19
N ARG A 20 8.21 24.25 20.91
CA ARG A 20 9.09 23.19 20.42
C ARG A 20 9.29 22.10 21.46
N GLU A 21 9.48 22.48 22.73
CA GLU A 21 9.66 21.47 23.76
C GLU A 21 8.40 20.65 23.95
N ALA A 22 7.22 21.30 23.89
CA ALA A 22 5.97 20.55 23.99
C ALA A 22 5.80 19.62 22.80
N ASN A 23 6.16 20.07 21.60
CA ASN A 23 6.04 19.24 20.41
C ASN A 23 6.97 18.03 20.50
N LYS A 24 8.18 18.22 21.03
CA LYS A 24 9.10 17.11 21.20
C LYS A 24 8.56 16.11 22.23
N LYS A 25 8.01 16.63 23.34
CA LYS A 25 7.42 15.77 24.35
C LYS A 25 6.22 15.00 23.82
N ILE A 26 5.51 15.58 22.84
CA ILE A 26 4.39 14.88 22.23
C ILE A 26 4.88 13.87 21.18
N GLU A 27 5.89 14.24 20.41
CA GLU A 27 6.39 13.36 19.36
C GLU A 27 7.07 12.12 19.94
N LYS A 28 7.71 12.23 21.10
CA LYS A 28 8.26 11.03 21.72
C LYS A 28 7.13 10.06 22.09
N GLN A 29 6.02 10.59 22.60
CA GLN A 29 4.88 9.73 22.92
C GLN A 29 4.27 9.12 21.66
N LEU A 30 4.19 9.89 20.58
CA LEU A 30 3.66 9.34 19.33
C LEU A 30 4.58 8.26 18.76
N GLN A 31 5.90 8.44 18.90
CA GLN A 31 6.83 7.39 18.48
C GLN A 31 6.65 6.14 19.34
N LYS A 32 6.44 6.32 20.64
CA LYS A 32 6.19 5.17 21.50
C LYS A 32 4.91 4.45 21.12
N ASP A 33 3.87 5.20 20.75
CA ASP A 33 2.58 4.59 20.39
C ASP A 33 2.56 4.02 18.98
N LYS A 34 3.44 4.48 18.10
CA LYS A 34 3.50 3.91 16.76
C LYS A 34 3.86 2.42 16.81
N GLN A 35 4.78 2.05 17.70
CA GLN A 35 5.17 0.66 17.83
C GLN A 35 3.99 -0.21 18.22
N VAL A 36 3.21 0.23 19.20
CA VAL A 36 2.10 -0.59 19.67
C VAL A 36 0.95 -0.58 18.65
N TYR A 37 0.82 0.49 17.86
CA TYR A 37 -0.18 0.47 16.81
C TYR A 37 0.21 -0.50 15.69
N ARG A 38 1.48 -0.48 15.28
CA ARG A 38 1.90 -1.36 14.19
C ARG A 38 2.03 -2.81 14.62
N ALA A 39 2.25 -3.06 15.91
CA ALA A 39 2.44 -4.42 16.40
C ALA A 39 1.14 -5.14 16.75
N THR A 40 0.01 -4.44 16.71
CA THR A 40 -1.28 -5.01 17.08
C THR A 40 -2.14 -5.18 15.84
N HIS A 41 -2.73 -6.35 15.68
CA HIS A 41 -3.55 -6.67 14.52
C HIS A 41 -5.03 -6.51 14.87
N ARG A 42 -5.71 -5.64 14.13
CA ARG A 42 -7.12 -5.38 14.35
C ARG A 42 -7.94 -6.25 13.41
N LEU A 43 -8.97 -6.88 13.96
CA LEU A 43 -9.84 -7.78 13.20
C LEU A 43 -11.28 -7.30 13.32
N LEU A 44 -11.97 -7.23 12.20
CA LEU A 44 -13.42 -7.03 12.24
C LEU A 44 -14.09 -8.39 12.40
N LEU A 45 -15.21 -8.41 13.11
CA LEU A 45 -16.04 -9.60 13.23
C LEU A 45 -17.44 -9.28 12.74
N LEU A 46 -17.92 -10.05 11.77
CA LEU A 46 -19.19 -9.76 11.13
C LEU A 46 -19.99 -11.05 11.01
N GLY A 47 -21.31 -10.88 10.89
CA GLY A 47 -22.23 -12.00 10.81
C GLY A 47 -23.43 -11.83 11.71
N ALA A 48 -24.47 -12.63 11.48
CA ALA A 48 -25.67 -12.55 12.29
C ALA A 48 -25.42 -13.15 13.68
N GLY A 49 -26.27 -12.76 14.63
CA GLY A 49 -26.16 -13.26 16.00
C GLY A 49 -26.59 -14.70 16.16
N GLU A 50 -27.43 -15.20 15.26
CA GLU A 50 -27.85 -16.60 15.31
C GLU A 50 -26.82 -17.54 14.73
N SER A 51 -25.72 -17.02 14.21
CA SER A 51 -24.68 -17.83 13.56
C SER A 51 -23.59 -18.28 14.52
N GLY A 52 -23.80 -18.16 15.83
CA GLY A 52 -22.80 -18.54 16.79
C GLY A 52 -21.66 -17.56 16.96
N LYS A 53 -21.79 -16.36 16.40
CA LYS A 53 -20.77 -15.33 16.52
C LYS A 53 -20.46 -15.00 17.97
N ASN A 54 -21.50 -14.77 18.76
CA ASN A 54 -21.32 -14.42 20.17
C ASN A 54 -20.66 -15.56 20.94
N THR A 55 -20.96 -16.80 20.58
CA THR A 55 -20.31 -17.94 21.21
C THR A 55 -18.83 -17.97 20.85
N ILE A 56 -18.47 -17.62 19.62
CA ILE A 56 -17.07 -17.52 19.25
C ILE A 56 -16.38 -16.45 20.08
N VAL A 57 -17.04 -15.31 20.26
CA VAL A 57 -16.46 -14.24 21.08
C VAL A 57 -16.26 -14.73 22.51
N LYS A 58 -17.25 -15.43 23.07
CA LYS A 58 -17.12 -15.96 24.43
C LYS A 58 -15.96 -16.94 24.53
N GLN A 59 -15.81 -17.81 23.53
CA GLN A 59 -14.71 -18.77 23.54
C GLN A 59 -13.37 -18.06 23.48
N MET A 60 -13.24 -17.03 22.65
CA MET A 60 -11.99 -16.28 22.57
C MET A 60 -11.74 -15.44 23.83
N ARG A 61 -12.78 -15.08 24.57
CA ARG A 61 -12.62 -14.30 25.78
C ARG A 61 -12.24 -15.16 26.98
N ILE A 62 -12.86 -16.32 27.12
CA ILE A 62 -12.59 -17.17 28.29
C ILE A 62 -11.17 -17.72 28.23
N LEU A 63 -10.67 -18.01 27.03
CA LEU A 63 -9.33 -18.56 26.87
C LEU A 63 -8.26 -17.51 27.18
N SER A 205 -23.12 -0.05 24.36
CA SER A 205 -21.90 0.31 23.66
C SER A 205 -22.03 0.01 22.17
N GLY A 206 -21.60 0.95 21.33
CA GLY A 206 -21.71 0.78 19.90
C GLY A 206 -20.71 -0.17 19.28
N ILE A 207 -19.73 -0.63 20.06
CA ILE A 207 -18.76 -1.60 19.57
C ILE A 207 -18.09 -2.24 20.77
N PHE A 208 -17.78 -3.52 20.66
CA PHE A 208 -17.17 -4.29 21.73
C PHE A 208 -15.79 -4.76 21.29
N GLU A 209 -14.82 -4.68 22.19
CA GLU A 209 -13.44 -5.03 21.91
C GLU A 209 -13.07 -6.30 22.65
N THR A 210 -12.18 -7.08 22.03
CA THR A 210 -11.62 -8.27 22.65
C THR A 210 -10.12 -8.27 22.39
N LYS A 211 -9.35 -8.21 23.47
CA LYS A 211 -7.89 -8.25 23.39
C LYS A 211 -7.42 -9.65 23.73
N PHE A 212 -6.89 -10.37 22.73
CA PHE A 212 -6.27 -11.65 22.98
C PHE A 212 -4.90 -11.66 22.35
N GLN A 213 -4.15 -12.74 22.56
CA GLN A 213 -2.82 -12.82 21.99
C GLN A 213 -2.44 -14.27 21.75
N VAL A 214 -1.74 -14.51 20.66
CA VAL A 214 -1.26 -15.83 20.28
C VAL A 214 0.21 -15.71 19.92
N ASP A 215 1.04 -16.53 20.58
CA ASP A 215 2.49 -16.54 20.34
C ASP A 215 3.07 -15.14 20.49
N LYS A 216 2.69 -14.46 21.56
CA LYS A 216 3.13 -13.10 21.88
C LYS A 216 2.75 -12.10 20.80
N VAL A 217 1.72 -12.40 20.01
CA VAL A 217 1.22 -11.51 18.98
C VAL A 217 -0.17 -11.03 19.41
N ASN A 218 -0.35 -9.72 19.44
CA ASN A 218 -1.56 -9.10 20.00
C ASN A 218 -2.62 -8.96 18.91
N PHE A 219 -3.80 -9.52 19.18
CA PHE A 219 -4.95 -9.41 18.30
C PHE A 219 -6.07 -8.68 19.01
N HIS A 220 -6.68 -7.72 18.31
CA HIS A 220 -7.70 -6.84 18.84
C HIS A 220 -8.93 -6.97 17.95
N MET A 221 -9.90 -7.77 18.38
CA MET A 221 -11.07 -8.10 17.58
C MET A 221 -12.23 -7.18 17.96
N PHE A 222 -12.92 -6.67 16.97
CA PHE A 222 -13.96 -5.65 17.16
C PHE A 222 -15.32 -6.22 16.78
N ASP A 223 -16.00 -6.81 17.76
CA ASP A 223 -17.38 -7.20 17.57
C ASP A 223 -18.26 -5.95 17.54
N VAL A 224 -19.35 -6.03 16.79
CA VAL A 224 -20.25 -4.89 16.60
C VAL A 224 -21.53 -5.14 17.36
N GLY A 225 -21.95 -4.16 18.15
CA GLY A 225 -23.21 -4.23 18.85
C GLY A 225 -23.83 -2.85 18.95
N ALA A 226 -25.13 -2.84 19.20
CA ALA A 226 -25.90 -1.58 19.33
C ALA A 226 -25.73 -0.69 18.10
N GLN A 227 -25.68 -1.30 16.93
CA GLN A 227 -25.63 -0.59 15.66
C GLN A 227 -26.81 -1.00 14.81
N ARG A 228 -27.18 -0.14 13.86
CA ARG A 228 -28.28 -0.47 12.97
C ARG A 228 -27.86 -1.54 11.98
N ASP A 229 -28.85 -2.09 11.28
CA ASP A 229 -28.60 -3.18 10.33
C ASP A 229 -28.10 -2.69 8.98
N GLU A 230 -27.97 -1.38 8.79
CA GLU A 230 -27.46 -0.82 7.54
C GLU A 230 -25.96 -0.61 7.70
N ARG A 231 -25.17 -1.50 7.12
CA ARG A 231 -23.73 -1.54 7.29
C ARG A 231 -22.96 -0.74 6.24
N ARG A 232 -23.66 -0.13 5.28
CA ARG A 232 -22.95 0.44 4.14
C ARG A 232 -22.11 1.67 4.50
N LYS A 233 -22.23 2.19 5.71
CA LYS A 233 -21.50 3.39 6.09
C LYS A 233 -20.55 3.18 7.26
N TRP A 234 -20.85 2.28 8.19
CA TRP A 234 -19.91 2.00 9.27
C TRP A 234 -18.97 0.85 8.94
N ILE A 235 -19.14 0.20 7.78
CA ILE A 235 -18.19 -0.84 7.38
C ILE A 235 -16.93 -0.21 6.81
N GLN A 236 -17.03 0.99 6.22
CA GLN A 236 -15.88 1.62 5.54
C GLN A 236 -14.79 1.96 6.55
N CYS A 237 -15.10 1.97 7.84
CA CYS A 237 -14.08 2.23 8.92
C CYS A 237 -13.19 1.02 9.09
N PHE A 238 -13.57 -0.13 8.54
CA PHE A 238 -12.82 -1.38 8.79
C PHE A 238 -12.04 -1.87 7.57
N ASN A 239 -11.36 -0.98 6.84
CA ASN A 239 -10.49 -1.43 5.77
C ASN A 239 -9.06 -1.67 6.23
N ASP A 240 -8.59 -0.91 7.21
CA ASP A 240 -7.23 -1.08 7.72
C ASP A 240 -7.08 -2.33 8.57
N VAL A 241 -8.19 -3.00 8.92
CA VAL A 241 -8.10 -4.19 9.76
C VAL A 241 -7.34 -5.28 9.01
N THR A 242 -6.71 -6.17 9.78
CA THR A 242 -5.98 -7.27 9.17
C THR A 242 -6.93 -8.18 8.39
N ALA A 243 -8.10 -8.47 8.93
CA ALA A 243 -9.06 -9.34 8.28
C ALA A 243 -10.46 -9.07 8.80
N ILE A 244 -11.44 -9.52 8.03
CA ILE A 244 -12.85 -9.55 8.43
C ILE A 244 -13.22 -11.00 8.64
N ILE A 245 -13.46 -11.39 9.90
CA ILE A 245 -13.94 -12.73 10.22
C ILE A 245 -15.45 -12.73 9.99
N PHE A 246 -15.88 -13.33 8.89
CA PHE A 246 -17.30 -13.41 8.56
C PHE A 246 -17.82 -14.77 9.01
N VAL A 247 -18.76 -14.77 9.94
CA VAL A 247 -19.31 -15.99 10.52
C VAL A 247 -20.66 -16.29 9.87
N VAL A 248 -20.82 -17.51 9.37
CA VAL A 248 -22.00 -17.92 8.63
C VAL A 248 -22.66 -19.09 9.35
N ALA A 249 -23.98 -19.05 9.44
CA ALA A 249 -24.75 -20.20 9.87
C ALA A 249 -25.01 -21.07 8.65
N SER A 250 -24.15 -22.07 8.45
CA SER A 250 -24.23 -22.89 7.24
C SER A 250 -25.51 -23.72 7.20
N SER A 251 -26.05 -24.08 8.37
CA SER A 251 -27.26 -24.89 8.44
C SER A 251 -28.54 -24.09 8.31
N SER A 252 -28.46 -22.77 8.20
CA SER A 252 -29.63 -21.90 8.19
C SER A 252 -30.20 -21.67 6.79
N TYR A 253 -29.89 -22.55 5.84
CA TYR A 253 -30.47 -22.49 4.50
C TYR A 253 -31.97 -22.77 4.52
N GLN A 262 -37.14 -14.81 7.00
CA GLN A 262 -35.91 -15.25 6.35
C GLN A 262 -35.80 -16.77 6.34
N THR A 263 -36.61 -17.40 5.49
CA THR A 263 -36.52 -18.85 5.33
C THR A 263 -35.18 -19.28 4.76
N ASN A 264 -34.50 -18.43 4.00
CA ASN A 264 -33.19 -18.71 3.43
C ASN A 264 -32.20 -17.70 4.02
N ARG A 265 -31.67 -18.03 5.20
CA ARG A 265 -30.66 -17.18 5.83
C ARG A 265 -29.30 -17.35 5.15
N LEU A 266 -29.03 -18.55 4.64
CA LEU A 266 -27.75 -18.81 3.99
C LEU A 266 -27.58 -17.94 2.74
N GLN A 267 -28.66 -17.73 1.97
CA GLN A 267 -28.57 -16.84 0.82
C GLN A 267 -28.32 -15.40 1.26
N ALA A 268 -28.88 -15.00 2.40
CA ALA A 268 -28.58 -13.68 2.95
C ALA A 268 -27.10 -13.57 3.28
N ALA A 269 -26.51 -14.63 3.86
CA ALA A 269 -25.08 -14.64 4.10
C ALA A 269 -24.29 -14.55 2.80
N LEU A 270 -24.74 -15.27 1.77
CA LEU A 270 -24.07 -15.21 0.47
C LEU A 270 -24.06 -13.80 -0.09
N LYS A 271 -25.20 -13.11 -0.03
CA LYS A 271 -25.27 -11.75 -0.54
C LYS A 271 -24.46 -10.77 0.30
N LEU A 272 -24.47 -10.93 1.62
CA LEU A 272 -23.65 -10.06 2.46
C LEU A 272 -22.17 -10.26 2.18
N PHE A 273 -21.73 -11.52 2.02
CA PHE A 273 -20.34 -11.78 1.66
C PHE A 273 -20.01 -11.22 0.29
N ASP A 274 -20.95 -11.31 -0.66
CA ASP A 274 -20.73 -10.76 -1.99
C ASP A 274 -20.54 -9.25 -1.93
N SER A 275 -21.37 -8.57 -1.13
CA SER A 275 -21.24 -7.13 -0.98
C SER A 275 -19.93 -6.76 -0.31
N ILE A 276 -19.52 -7.51 0.71
CA ILE A 276 -18.25 -7.25 1.39
C ILE A 276 -17.09 -7.42 0.42
N TRP A 277 -17.12 -8.51 -0.36
CA TRP A 277 -16.01 -8.82 -1.24
C TRP A 277 -15.80 -7.75 -2.30
N ASN A 278 -16.88 -7.20 -2.83
CA ASN A 278 -16.81 -6.26 -3.95
C ASN A 278 -16.88 -4.81 -3.53
N ASN A 279 -16.81 -4.53 -2.22
CA ASN A 279 -16.79 -3.15 -1.76
C ASN A 279 -15.44 -2.52 -2.07
N LYS A 280 -15.47 -1.31 -2.64
CA LYS A 280 -14.24 -0.71 -3.15
C LYS A 280 -13.25 -0.42 -2.03
N TRP A 281 -13.73 -0.18 -0.81
CA TRP A 281 -12.83 0.04 0.31
C TRP A 281 -12.41 -1.24 0.98
N LEU A 282 -13.15 -2.33 0.78
CA LEU A 282 -12.80 -3.64 1.31
C LEU A 282 -12.18 -4.54 0.24
N ARG A 283 -11.79 -3.99 -0.90
CA ARG A 283 -11.16 -4.74 -1.97
C ARG A 283 -9.69 -5.01 -1.72
N ASP A 284 -9.15 -4.54 -0.60
CA ASP A 284 -7.80 -4.91 -0.18
C ASP A 284 -7.80 -5.63 1.17
N THR A 285 -8.98 -5.90 1.72
CA THR A 285 -9.12 -6.52 3.03
C THR A 285 -9.52 -7.98 2.87
N SER A 286 -8.77 -8.87 3.50
CA SER A 286 -9.06 -10.29 3.41
C SER A 286 -10.24 -10.66 4.31
N VAL A 287 -10.88 -11.77 3.96
CA VAL A 287 -12.03 -12.30 4.70
C VAL A 287 -11.70 -13.71 5.16
N ILE A 288 -11.87 -13.96 6.45
CA ILE A 288 -11.74 -15.29 7.03
C ILE A 288 -13.15 -15.81 7.25
N LEU A 289 -13.51 -16.89 6.55
CA LEU A 289 -14.88 -17.37 6.51
C LEU A 289 -15.06 -18.51 7.49
N PHE A 290 -15.90 -18.29 8.50
CA PHE A 290 -16.17 -19.26 9.55
C PHE A 290 -17.58 -19.81 9.32
N LEU A 291 -17.67 -20.89 8.55
CA LEU A 291 -18.94 -21.58 8.36
C LEU A 291 -19.24 -22.34 9.64
N ASN A 292 -20.02 -21.71 10.52
CA ASN A 292 -19.98 -22.01 11.95
C ASN A 292 -20.97 -23.08 12.40
N LYS A 293 -21.89 -23.51 11.55
CA LYS A 293 -22.93 -24.42 12.01
C LYS A 293 -22.80 -25.77 11.35
N GLN A 294 -21.58 -26.30 11.28
CA GLN A 294 -21.35 -27.57 10.61
C GLN A 294 -22.06 -28.72 11.31
N ASP A 295 -22.08 -28.71 12.65
CA ASP A 295 -22.75 -29.78 13.37
C ASP A 295 -24.26 -29.78 13.12
N LEU A 296 -24.88 -28.60 13.15
CA LEU A 296 -26.31 -28.51 12.85
C LEU A 296 -26.59 -28.93 11.42
N LEU A 297 -25.70 -28.57 10.49
CA LEU A 297 -25.85 -29.03 9.11
C LEU A 297 -25.77 -30.54 9.04
N ALA A 298 -24.87 -31.15 9.80
CA ALA A 298 -24.75 -32.60 9.81
C ALA A 298 -26.03 -33.26 10.33
N GLU A 299 -26.58 -32.74 11.41
CA GLU A 299 -27.85 -33.27 11.91
C GLU A 299 -28.98 -33.08 10.92
N LYS A 300 -29.00 -31.93 10.23
CA LYS A 300 -30.08 -31.68 9.27
C LYS A 300 -29.98 -32.60 8.06
N VAL A 301 -28.77 -32.88 7.57
CA VAL A 301 -28.65 -33.71 6.37
C VAL A 301 -28.76 -35.19 6.70
N LEU A 302 -28.31 -35.60 7.90
CA LEU A 302 -28.43 -37.00 8.28
C LEU A 302 -29.88 -37.41 8.42
N ALA A 303 -30.71 -36.54 9.01
CA ALA A 303 -32.12 -36.85 9.21
C ALA A 303 -32.91 -36.87 7.90
N GLY A 304 -32.37 -36.31 6.83
CA GLY A 304 -33.04 -36.30 5.55
C GLY A 304 -34.07 -35.20 5.37
N LYS A 305 -34.33 -34.41 6.41
CA LYS A 305 -35.27 -33.29 6.29
C LYS A 305 -34.62 -32.04 5.71
N SER A 306 -33.31 -32.06 5.50
CA SER A 306 -32.60 -30.91 4.95
C SER A 306 -33.08 -30.58 3.54
N LYS A 307 -32.83 -31.48 2.60
CA LYS A 307 -33.21 -31.33 1.21
C LYS A 307 -32.82 -29.96 0.66
N ILE A 308 -31.51 -29.74 0.60
CA ILE A 308 -30.96 -28.46 0.15
C ILE A 308 -31.32 -28.18 -1.31
N GLU A 309 -31.86 -29.17 -2.02
CA GLU A 309 -32.27 -28.95 -3.40
C GLU A 309 -33.38 -27.90 -3.48
N ASP A 310 -34.33 -27.93 -2.54
CA ASP A 310 -35.42 -26.96 -2.56
C ASP A 310 -34.93 -25.55 -2.28
N TYR A 311 -33.78 -25.40 -1.64
CA TYR A 311 -33.19 -24.09 -1.41
C TYR A 311 -32.05 -23.77 -2.36
N PHE A 312 -31.49 -24.77 -3.03
CA PHE A 312 -30.42 -24.58 -4.01
C PHE A 312 -30.57 -25.63 -5.10
N PRO A 313 -31.13 -25.25 -6.26
CA PRO A 313 -31.33 -26.25 -7.33
C PRO A 313 -30.04 -26.88 -7.83
N GLU A 314 -28.93 -26.16 -7.77
CA GLU A 314 -27.67 -26.64 -8.34
C GLU A 314 -27.04 -27.72 -7.48
N PHE A 315 -27.67 -28.06 -6.36
CA PHE A 315 -27.14 -29.12 -5.49
C PHE A 315 -27.18 -30.49 -6.15
N ALA A 316 -28.15 -30.76 -7.02
CA ALA A 316 -28.22 -32.05 -7.67
C ALA A 316 -27.08 -32.24 -8.65
N ARG A 317 -26.83 -31.26 -9.50
CA ARG A 317 -25.80 -31.35 -10.53
C ARG A 317 -24.41 -31.00 -10.01
N TYR A 318 -24.29 -30.49 -8.79
CA TYR A 318 -22.97 -30.27 -8.20
C TYR A 318 -22.36 -31.60 -7.79
N THR A 319 -21.11 -31.82 -8.20
CA THR A 319 -20.37 -33.04 -7.88
C THR A 319 -19.21 -32.68 -6.97
N THR A 320 -18.99 -33.51 -5.95
CA THR A 320 -17.96 -33.21 -4.96
C THR A 320 -16.59 -33.19 -5.63
N PRO A 321 -15.79 -32.15 -5.40
CA PRO A 321 -14.44 -32.12 -5.97
C PRO A 321 -13.55 -33.20 -5.37
N GLU A 322 -12.58 -33.66 -6.16
CA GLU A 322 -11.67 -34.69 -5.70
C GLU A 322 -10.73 -34.17 -4.63
N ASP A 323 -10.55 -32.86 -4.53
CA ASP A 323 -9.67 -32.26 -3.56
C ASP A 323 -10.31 -32.11 -2.18
N ALA A 324 -11.59 -32.45 -2.05
CA ALA A 324 -12.27 -32.37 -0.77
C ALA A 324 -11.65 -33.36 0.22
N THR A 325 -11.58 -32.96 1.49
CA THR A 325 -11.00 -33.78 2.55
C THR A 325 -12.07 -34.00 3.62
N PRO A 326 -12.86 -35.08 3.51
CA PRO A 326 -13.88 -35.36 4.52
C PRO A 326 -13.27 -35.76 5.85
N GLU A 327 -14.00 -35.49 6.93
CA GLU A 327 -13.60 -35.93 8.25
C GLU A 327 -13.75 -37.44 8.37
N PRO A 328 -12.96 -38.08 9.23
CA PRO A 328 -13.11 -39.52 9.45
C PRO A 328 -14.45 -39.82 10.13
N GLY A 329 -15.20 -40.75 9.54
CA GLY A 329 -16.51 -41.07 10.06
C GLY A 329 -17.60 -40.07 9.69
N GLU A 330 -17.45 -39.37 8.56
CA GLU A 330 -18.43 -38.39 8.11
C GLU A 330 -19.24 -38.97 6.97
N ASP A 331 -20.56 -38.89 7.06
CA ASP A 331 -21.43 -39.33 5.99
C ASP A 331 -21.12 -38.53 4.73
N PRO A 332 -20.91 -39.18 3.58
CA PRO A 332 -20.57 -38.42 2.37
C PRO A 332 -21.60 -37.36 2.00
N ARG A 333 -22.86 -37.52 2.40
CA ARG A 333 -23.84 -36.45 2.17
C ARG A 333 -23.46 -35.20 2.97
N VAL A 334 -23.01 -35.38 4.21
CA VAL A 334 -22.59 -34.25 5.03
C VAL A 334 -21.45 -33.50 4.37
N THR A 335 -20.43 -34.24 3.93
CA THR A 335 -19.29 -33.62 3.28
C THR A 335 -19.69 -32.94 1.97
N ARG A 336 -20.56 -33.57 1.19
CA ARG A 336 -20.99 -32.96 -0.06
C ARG A 336 -21.74 -31.68 0.19
N ALA A 337 -22.64 -31.65 1.18
CA ALA A 337 -23.40 -30.44 1.47
C ALA A 337 -22.49 -29.32 1.98
N LYS A 338 -21.59 -29.65 2.91
CA LYS A 338 -20.72 -28.62 3.47
C LYS A 338 -19.78 -28.06 2.41
N TYR A 339 -19.24 -28.92 1.54
CA TYR A 339 -18.39 -28.42 0.48
C TYR A 339 -19.20 -27.71 -0.61
N PHE A 340 -20.47 -28.04 -0.78
CA PHE A 340 -21.32 -27.27 -1.68
C PHE A 340 -21.50 -25.85 -1.18
N ILE A 341 -21.75 -25.69 0.12
CA ILE A 341 -21.89 -24.35 0.69
C ILE A 341 -20.58 -23.59 0.59
N ARG A 342 -19.47 -24.26 0.92
CA ARG A 342 -18.16 -23.62 0.84
C ARG A 342 -17.85 -23.21 -0.60
N ASP A 343 -18.23 -24.04 -1.58
CA ASP A 343 -17.99 -23.68 -2.97
C ASP A 343 -18.93 -22.59 -3.45
N GLU A 344 -20.13 -22.50 -2.88
CA GLU A 344 -21.01 -21.38 -3.18
C GLU A 344 -20.38 -20.07 -2.73
N PHE A 345 -19.74 -20.09 -1.56
CA PHE A 345 -19.00 -18.89 -1.12
C PHE A 345 -17.76 -18.65 -1.98
N LEU A 346 -17.02 -19.70 -2.31
CA LEU A 346 -15.81 -19.56 -3.12
C LEU A 346 -16.11 -19.13 -4.54
N ARG A 347 -17.34 -19.33 -5.01
CA ARG A 347 -17.70 -18.85 -6.34
C ARG A 347 -17.65 -17.33 -6.39
N ILE A 348 -18.16 -16.67 -5.36
CA ILE A 348 -18.02 -15.22 -5.26
C ILE A 348 -16.58 -14.84 -4.96
N SER A 349 -15.94 -15.58 -4.04
CA SER A 349 -14.62 -15.19 -3.57
C SER A 349 -13.60 -15.22 -4.71
N THR A 350 -13.63 -16.25 -5.55
CA THR A 350 -12.66 -16.36 -6.63
C THR A 350 -12.95 -15.34 -7.73
N ALA A 351 -14.22 -15.20 -8.12
CA ALA A 351 -14.59 -14.24 -9.16
C ALA A 351 -14.35 -12.83 -8.66
N SER A 352 -13.73 -12.01 -9.51
CA SER A 352 -13.39 -10.62 -9.18
C SER A 352 -12.52 -10.54 -7.92
N GLY A 353 -11.62 -11.50 -7.76
CA GLY A 353 -10.69 -11.49 -6.64
C GLY A 353 -9.40 -10.74 -6.95
N ASP A 354 -8.73 -11.12 -8.03
CA ASP A 354 -7.56 -10.44 -8.58
C ASP A 354 -6.35 -10.47 -7.65
N GLY A 355 -6.42 -11.24 -6.56
CA GLY A 355 -5.26 -11.44 -5.72
C GLY A 355 -4.94 -10.33 -4.74
N ARG A 356 -5.73 -9.26 -4.71
CA ARG A 356 -5.49 -8.18 -3.74
C ARG A 356 -6.06 -8.50 -2.36
N HIS A 357 -6.94 -9.50 -2.26
CA HIS A 357 -7.50 -9.92 -0.99
C HIS A 357 -8.01 -11.35 -1.17
N TYR A 358 -7.87 -12.14 -0.11
CA TYR A 358 -8.10 -13.58 -0.19
C TYR A 358 -9.15 -14.01 0.82
N CYS A 359 -9.89 -15.04 0.46
CA CYS A 359 -10.88 -15.65 1.33
C CYS A 359 -10.32 -16.94 1.89
N TYR A 360 -10.60 -17.20 3.17
CA TYR A 360 -10.09 -18.37 3.87
C TYR A 360 -11.26 -19.12 4.47
N PRO A 361 -11.97 -19.91 3.65
CA PRO A 361 -13.13 -20.63 4.17
C PRO A 361 -12.72 -21.73 5.13
N HIS A 362 -13.35 -21.74 6.30
CA HIS A 362 -13.10 -22.73 7.33
C HIS A 362 -14.42 -23.36 7.75
N PHE A 363 -14.35 -24.62 8.16
CA PHE A 363 -15.52 -25.35 8.68
C PHE A 363 -15.42 -25.33 10.20
N THR A 364 -15.98 -24.30 10.81
CA THR A 364 -15.84 -24.05 12.24
C THR A 364 -17.10 -24.47 12.99
N CYS A 365 -16.95 -24.53 14.32
CA CYS A 365 -18.07 -24.73 15.23
C CYS A 365 -17.97 -23.69 16.34
N ALA A 366 -19.12 -23.39 16.95
CA ALA A 366 -19.18 -22.32 17.94
C ALA A 366 -18.28 -22.61 19.14
N VAL A 367 -18.07 -23.88 19.47
CA VAL A 367 -17.29 -24.26 20.65
C VAL A 367 -15.88 -24.74 20.28
N ASP A 368 -15.41 -24.45 19.07
CA ASP A 368 -14.06 -24.86 18.69
C ASP A 368 -13.01 -24.11 19.51
N THR A 369 -11.96 -24.82 19.87
CA THR A 369 -10.80 -24.18 20.50
C THR A 369 -9.79 -23.72 19.46
N GLU A 370 -9.87 -24.25 18.23
CA GLU A 370 -8.90 -23.94 17.20
C GLU A 370 -9.24 -22.68 16.42
N ASN A 371 -10.30 -21.96 16.78
CA ASN A 371 -10.66 -20.75 16.07
C ASN A 371 -9.57 -19.69 16.17
N ILE A 372 -9.00 -19.52 17.36
CA ILE A 372 -7.94 -18.54 17.54
C ILE A 372 -6.72 -18.92 16.71
N ARG A 373 -6.40 -20.21 16.64
CA ARG A 373 -5.28 -20.65 15.82
C ARG A 373 -5.57 -20.45 14.34
N ARG A 374 -6.82 -20.67 13.93
CA ARG A 374 -7.20 -20.43 12.55
C ARG A 374 -7.01 -18.97 12.18
N VAL A 375 -7.45 -18.07 13.06
CA VAL A 375 -7.28 -16.64 12.81
C VAL A 375 -5.80 -16.27 12.79
N PHE A 376 -5.03 -16.85 13.70
CA PHE A 376 -3.59 -16.60 13.75
C PHE A 376 -2.91 -16.98 12.44
N ASN A 377 -3.16 -18.21 11.97
CA ASN A 377 -2.57 -18.68 10.72
C ASN A 377 -3.04 -17.86 9.53
N ASP A 378 -4.32 -17.53 9.47
CA ASP A 378 -4.84 -16.75 8.35
C ASP A 378 -4.25 -15.35 8.33
N CYS A 379 -4.09 -14.72 9.50
CA CYS A 379 -3.51 -13.38 9.55
C CYS A 379 -2.03 -13.42 9.18
N ARG A 380 -1.31 -14.45 9.64
CA ARG A 380 0.08 -14.61 9.24
C ARG A 380 0.21 -14.74 7.73
N ASP A 381 -0.67 -15.55 7.14
CA ASP A 381 -0.65 -15.75 5.70
C ASP A 381 -0.99 -14.44 4.98
N ILE A 382 -1.93 -13.67 5.53
CA ILE A 382 -2.32 -12.39 4.93
C ILE A 382 -1.13 -11.44 4.92
N ILE A 383 -0.43 -11.34 6.05
CA ILE A 383 0.73 -10.45 6.14
C ILE A 383 1.82 -10.90 5.18
N GLN A 384 2.07 -12.21 5.11
CA GLN A 384 3.08 -12.73 4.20
C GLN A 384 2.75 -12.37 2.76
N ARG A 385 1.50 -12.57 2.36
CA ARG A 385 1.11 -12.27 0.99
C ARG A 385 1.15 -10.77 0.70
N MET A 386 0.85 -9.95 1.71
CA MET A 386 0.98 -8.51 1.53
C MET A 386 2.43 -8.11 1.28
N HIS A 387 3.35 -8.69 2.06
CA HIS A 387 4.76 -8.43 1.85
C HIS A 387 5.21 -8.88 0.46
N LEU A 388 4.73 -10.05 0.03
CA LEU A 388 5.06 -10.53 -1.32
C LEU A 388 4.47 -9.64 -2.41
N ARG A 389 3.30 -9.04 -2.19
CA ARG A 389 2.78 -8.07 -3.14
C ARG A 389 3.60 -6.80 -3.16
N GLN A 390 4.17 -6.40 -2.02
CA GLN A 390 5.04 -5.23 -2.02
C GLN A 390 6.25 -5.43 -2.93
N TYR A 391 6.85 -6.62 -2.90
CA TYR A 391 7.99 -6.93 -3.74
C TYR A 391 7.59 -7.37 -5.14
N GLU A 392 6.31 -7.26 -5.49
CA GLU A 392 5.80 -7.66 -6.81
C GLU A 392 6.02 -9.14 -7.09
N LEU A 393 6.05 -9.96 -6.05
CA LEU A 393 6.22 -11.41 -6.20
C LEU A 393 4.91 -12.16 -6.31
N LEU A 394 3.77 -11.49 -6.11
CA LEU A 394 2.48 -12.13 -6.27
C LEU A 394 1.53 -11.25 -7.08
N LEU B 4 -54.25 3.41 6.88
CA LEU B 4 -52.92 3.74 6.39
C LEU B 4 -52.98 4.17 4.92
N ASP B 5 -53.97 3.63 4.19
CA ASP B 5 -54.14 4.03 2.80
C ASP B 5 -54.51 5.50 2.68
N GLN B 6 -55.40 5.98 3.55
CA GLN B 6 -55.77 7.39 3.53
C GLN B 6 -54.57 8.28 3.85
N LEU B 7 -53.76 7.89 4.83
CA LEU B 7 -52.57 8.66 5.15
C LEU B 7 -51.57 8.63 4.00
N ARG B 8 -51.43 7.48 3.33
CA ARG B 8 -50.54 7.40 2.17
C ARG B 8 -51.01 8.33 1.06
N GLN B 9 -52.32 8.35 0.79
CA GLN B 9 -52.85 9.23 -0.24
C GLN B 9 -52.66 10.70 0.12
N GLU B 10 -52.87 11.05 1.40
CA GLU B 10 -52.66 12.42 1.83
C GLU B 10 -51.20 12.81 1.71
N ALA B 11 -50.28 11.89 2.05
CA ALA B 11 -48.86 12.16 1.90
C ALA B 11 -48.49 12.38 0.44
N GLU B 12 -49.06 11.56 -0.46
CA GLU B 12 -48.78 11.75 -1.88
C GLU B 12 -49.31 13.08 -2.37
N GLN B 13 -50.51 13.47 -1.92
CA GLN B 13 -51.07 14.75 -2.32
C GLN B 13 -50.22 15.91 -1.80
N LEU B 14 -49.75 15.82 -0.55
CA LEU B 14 -48.88 16.85 -0.01
C LEU B 14 -47.55 16.92 -0.74
N LYS B 15 -47.01 15.77 -1.11
CA LYS B 15 -45.76 15.76 -1.89
C LYS B 15 -45.96 16.41 -3.25
N ASN B 16 -47.10 16.13 -3.90
CA ASN B 16 -47.39 16.77 -5.19
C ASN B 16 -47.55 18.28 -5.01
N GLN B 17 -48.21 18.71 -3.94
CA GLN B 17 -48.38 20.14 -3.69
C GLN B 17 -47.02 20.81 -3.45
N ILE B 18 -46.14 20.15 -2.69
CA ILE B 18 -44.81 20.71 -2.43
C ILE B 18 -44.02 20.78 -3.73
N ARG B 19 -44.10 19.75 -4.56
CA ARG B 19 -43.41 19.77 -5.85
C ARG B 19 -43.90 20.91 -6.73
N ASP B 20 -45.22 21.11 -6.76
CA ASP B 20 -45.79 22.21 -7.56
C ASP B 20 -45.33 23.57 -7.01
N ALA B 21 -45.31 23.72 -5.68
CA ALA B 21 -44.87 24.98 -5.08
C ALA B 21 -43.40 25.25 -5.40
N ARG B 22 -42.57 24.21 -5.35
CA ARG B 22 -41.16 24.38 -5.69
C ARG B 22 -40.99 24.74 -7.16
N LYS B 23 -41.77 24.09 -8.04
CA LYS B 23 -41.64 24.35 -9.47
C LYS B 23 -42.15 25.75 -9.84
N ALA B 24 -43.14 26.26 -9.10
CA ALA B 24 -43.68 27.58 -9.42
C ALA B 24 -42.64 28.67 -9.25
N CYS B 25 -41.83 28.60 -8.19
CA CYS B 25 -40.85 29.62 -7.88
C CYS B 25 -39.50 29.38 -8.54
N ALA B 26 -39.41 28.44 -9.48
CA ALA B 26 -38.13 28.10 -10.09
C ALA B 26 -38.13 28.46 -11.57
N ASP B 27 -38.63 29.65 -11.91
CA ASP B 27 -38.64 30.09 -13.30
C ASP B 27 -37.24 30.33 -13.85
N ALA B 28 -36.32 30.79 -13.02
CA ALA B 28 -34.95 31.07 -13.45
C ALA B 28 -33.97 30.22 -12.66
N THR B 29 -33.02 29.61 -13.37
CA THR B 29 -32.00 28.80 -12.75
C THR B 29 -30.81 29.67 -12.33
N LEU B 30 -29.88 29.07 -11.61
CA LEU B 30 -28.71 29.83 -11.13
C LEU B 30 -27.86 30.31 -12.30
N SER B 31 -27.61 29.43 -13.28
CA SER B 31 -26.69 29.78 -14.35
C SER B 31 -27.20 30.93 -15.20
N GLN B 32 -28.51 30.95 -15.50
CA GLN B 32 -29.08 31.97 -16.35
C GLN B 32 -28.92 33.37 -15.79
N ILE B 33 -28.68 33.49 -14.49
CA ILE B 33 -28.45 34.78 -13.86
C ILE B 33 -26.97 35.00 -13.53
N THR B 34 -26.26 33.94 -13.15
CA THR B 34 -24.84 34.04 -12.85
C THR B 34 -23.97 34.16 -14.09
N ASN B 35 -24.57 34.06 -15.29
CA ASN B 35 -23.81 34.38 -16.49
C ASN B 35 -23.23 35.79 -16.44
N ASN B 36 -23.84 36.69 -15.66
CA ASN B 36 -23.26 38.00 -15.42
C ASN B 36 -21.94 37.89 -14.66
N ILE B 37 -21.85 36.99 -13.70
CA ILE B 37 -20.67 36.86 -12.86
C ILE B 37 -19.54 36.23 -13.66
N ASP B 38 -18.38 36.89 -13.66
CA ASP B 38 -17.25 36.42 -14.45
C ASP B 38 -16.62 35.18 -13.81
N PRO B 39 -16.07 34.28 -14.62
CA PRO B 39 -15.37 33.12 -14.05
C PRO B 39 -14.13 33.54 -13.27
N VAL B 40 -13.79 32.73 -12.26
CA VAL B 40 -12.65 33.02 -11.40
C VAL B 40 -11.33 32.49 -11.96
N GLY B 41 -11.37 31.63 -12.96
CA GLY B 41 -10.17 31.07 -13.51
C GLY B 41 -9.65 29.89 -12.70
N ARG B 42 -8.49 29.40 -13.12
CA ARG B 42 -7.86 28.28 -12.43
C ARG B 42 -7.42 28.67 -11.02
N ILE B 43 -7.70 27.80 -10.06
CA ILE B 43 -7.32 28.03 -8.66
C ILE B 43 -6.14 27.09 -8.40
N GLN B 44 -4.93 27.62 -8.57
CA GLN B 44 -3.71 26.82 -8.46
C GLN B 44 -3.18 26.88 -7.02
N MET B 45 -3.94 26.26 -6.12
CA MET B 45 -3.52 26.16 -4.74
C MET B 45 -2.36 25.18 -4.60
N ARG B 46 -1.60 25.37 -3.52
CA ARG B 46 -0.45 24.50 -3.25
C ARG B 46 -0.45 24.12 -1.78
N THR B 47 0.12 22.95 -1.50
CA THR B 47 0.25 22.49 -0.13
C THR B 47 1.35 23.30 0.57
N ARG B 48 0.95 24.11 1.55
CA ARG B 48 1.92 24.90 2.28
C ARG B 48 2.47 24.15 3.49
N ARG B 49 1.65 23.35 4.17
CA ARG B 49 2.11 22.55 5.28
C ARG B 49 1.64 21.11 5.10
N THR B 50 2.40 20.18 5.67
CA THR B 50 1.99 18.78 5.73
C THR B 50 2.15 18.32 7.16
N LEU B 51 1.03 18.00 7.80
CA LEU B 51 0.98 17.59 9.20
C LEU B 51 1.04 16.07 9.24
N ARG B 52 2.13 15.56 9.81
CA ARG B 52 2.37 14.12 9.93
C ARG B 52 2.45 13.74 11.41
N GLY B 53 1.94 12.56 11.73
CA GLY B 53 1.89 12.12 13.14
C GLY B 53 0.80 11.11 13.35
N HIS B 54 -0.31 11.23 12.59
CA HIS B 54 -1.38 10.20 12.69
C HIS B 54 -0.86 8.90 12.07
N LEU B 55 -1.14 7.76 12.70
CA LEU B 55 -0.63 6.46 12.19
C LEU B 55 -1.74 5.76 11.40
N ALA B 56 -2.94 6.34 11.35
CA ALA B 56 -4.10 5.69 10.69
C ALA B 56 -4.96 6.73 9.98
N LYS B 57 -5.98 6.29 9.27
CA LYS B 57 -6.82 7.23 8.48
C LYS B 57 -7.35 8.32 9.41
N ILE B 58 -7.22 9.58 9.00
CA ILE B 58 -7.75 10.71 9.81
C ILE B 58 -9.22 10.88 9.40
N TYR B 59 -10.13 10.31 10.18
CA TYR B 59 -11.58 10.38 9.85
C TYR B 59 -12.09 11.82 9.90
N ALA B 60 -11.67 12.61 10.89
CA ALA B 60 -12.23 13.97 11.04
C ALA B 60 -11.15 15.01 11.35
N MET B 61 -11.53 16.28 11.43
CA MET B 61 -10.58 17.40 11.68
C MET B 61 -11.42 18.67 11.86
N HIS B 62 -11.05 19.56 12.78
CA HIS B 62 -11.77 20.82 12.92
C HIS B 62 -10.79 21.95 13.20
N TRP B 63 -11.06 23.10 12.59
CA TRP B 63 -10.25 24.29 12.78
C TRP B 63 -10.52 24.92 14.15
N GLY B 64 -9.70 25.91 14.49
CA GLY B 64 -9.96 26.76 15.63
C GLY B 64 -10.44 28.13 15.16
N THR B 65 -11.18 28.82 16.02
CA THR B 65 -11.69 30.13 15.64
C THR B 65 -10.56 31.13 15.40
N ASP B 66 -9.43 30.94 16.07
CA ASP B 66 -8.26 31.78 15.83
C ASP B 66 -7.61 31.51 14.47
N SER B 67 -8.05 30.49 13.75
CA SER B 67 -7.52 30.12 12.45
C SER B 67 -6.05 29.71 12.52
N ARG B 68 -5.58 29.39 13.73
CA ARG B 68 -4.20 28.96 13.95
C ARG B 68 -4.12 27.52 14.44
N LEU B 69 -4.80 27.19 15.53
CA LEU B 69 -4.82 25.82 16.02
C LEU B 69 -5.90 25.02 15.31
N LEU B 70 -5.71 23.70 15.28
CA LEU B 70 -6.75 22.81 14.80
C LEU B 70 -6.60 21.47 15.51
N VAL B 71 -7.67 20.68 15.53
CA VAL B 71 -7.65 19.34 16.18
C VAL B 71 -7.88 18.30 15.07
N SER B 72 -7.24 17.15 15.15
CA SER B 72 -7.52 16.08 14.15
C SER B 72 -7.80 14.76 14.85
N ALA B 73 -8.73 13.97 14.31
CA ALA B 73 -9.13 12.70 14.94
C ALA B 73 -8.78 11.56 13.98
N SER B 74 -8.17 10.50 14.49
CA SER B 74 -7.73 9.40 13.60
C SER B 74 -8.15 8.04 14.16
N GLN B 75 -8.16 7.03 13.29
CA GLN B 75 -8.55 5.65 13.72
C GLN B 75 -7.44 5.07 14.58
N ASP B 76 -6.31 5.78 14.72
CA ASP B 76 -5.23 5.34 15.64
C ASP B 76 -5.58 5.82 17.05
N GLY B 77 -6.78 6.38 17.23
CA GLY B 77 -7.22 6.84 18.56
C GLY B 77 -6.38 7.96 19.12
N LYS B 78 -6.03 8.95 18.28
CA LYS B 78 -5.31 10.14 18.80
C LYS B 78 -6.06 11.39 18.41
N LEU B 79 -6.27 12.32 19.35
CA LEU B 79 -6.85 13.64 18.98
C LEU B 79 -5.67 14.60 19.03
N ILE B 80 -5.01 14.84 17.91
CA ILE B 80 -3.79 15.63 17.93
C ILE B 80 -4.13 17.06 17.58
N ILE B 81 -3.65 18.00 18.39
CA ILE B 81 -3.93 19.41 18.21
C ILE B 81 -2.68 20.04 17.61
N TRP B 82 -2.79 20.51 16.37
CA TRP B 82 -1.67 21.04 15.63
C TRP B 82 -1.76 22.55 15.56
N ASP B 83 -0.63 23.22 15.82
CA ASP B 83 -0.47 24.63 15.49
C ASP B 83 -0.06 24.68 14.02
N SER B 84 -1.03 25.01 13.16
CA SER B 84 -0.78 24.91 11.72
C SER B 84 0.32 25.85 11.26
N TYR B 85 0.57 26.93 12.00
CA TYR B 85 1.61 27.87 11.60
C TYR B 85 2.99 27.22 11.65
N THR B 86 3.33 26.62 12.79
CA THR B 86 4.65 26.03 13.00
C THR B 86 4.63 24.51 12.98
N THR B 87 3.53 23.89 12.54
CA THR B 87 3.42 22.44 12.38
C THR B 87 3.49 21.73 13.73
N ASN B 88 3.67 22.48 14.81
CA ASN B 88 3.87 21.90 16.13
C ASN B 88 2.58 21.23 16.63
N LYS B 89 2.75 20.21 17.45
CA LYS B 89 1.63 19.52 18.09
C LYS B 89 1.42 20.12 19.48
N VAL B 90 0.20 20.56 19.74
CA VAL B 90 -0.08 21.22 21.01
C VAL B 90 -0.54 20.23 22.08
N HIS B 91 -1.40 19.28 21.72
CA HIS B 91 -1.80 18.21 22.63
C HIS B 91 -1.94 16.93 21.82
N ALA B 92 -1.88 15.79 22.50
CA ALA B 92 -2.08 14.49 21.88
C ALA B 92 -2.93 13.64 22.82
N ILE B 93 -4.24 13.67 22.61
CA ILE B 93 -5.20 12.99 23.48
C ILE B 93 -5.33 11.55 22.99
N PRO B 94 -5.01 10.55 23.82
CA PRO B 94 -5.36 9.16 23.47
C PRO B 94 -6.84 8.93 23.70
N LEU B 95 -7.50 8.34 22.70
CA LEU B 95 -8.93 8.12 22.77
C LEU B 95 -9.24 6.73 23.31
N ARG B 96 -10.25 6.65 24.17
CA ARG B 96 -10.69 5.36 24.68
C ARG B 96 -11.21 4.48 23.56
N SER B 97 -11.88 5.12 22.59
CA SER B 97 -12.37 4.38 21.38
C SER B 97 -11.53 4.78 20.18
N SER B 98 -10.82 3.82 19.58
CA SER B 98 -9.99 4.07 18.37
C SER B 98 -10.86 4.54 17.22
N TRP B 99 -12.10 4.03 17.14
CA TRP B 99 -12.98 4.34 15.99
C TRP B 99 -13.62 5.70 16.18
N VAL B 100 -12.85 6.76 16.01
CA VAL B 100 -13.38 8.15 16.12
C VAL B 100 -13.72 8.61 14.71
N MET B 101 -15.01 8.85 14.46
CA MET B 101 -15.44 9.22 13.09
C MET B 101 -15.75 10.71 13.05
N THR B 102 -15.58 11.40 14.19
CA THR B 102 -15.79 12.88 14.16
C THR B 102 -15.02 13.59 15.27
N CYS B 103 -14.81 14.90 15.15
CA CYS B 103 -14.20 15.67 16.22
C CYS B 103 -14.65 17.12 16.07
N ALA B 104 -14.54 17.86 17.17
CA ALA B 104 -14.97 19.25 17.19
C ALA B 104 -13.99 20.08 17.99
N TYR B 105 -13.96 21.37 17.68
CA TYR B 105 -13.18 22.37 18.42
C TYR B 105 -14.12 23.48 18.83
N ALA B 106 -14.22 23.73 20.13
CA ALA B 106 -15.17 24.69 20.64
C ALA B 106 -14.82 26.10 20.15
N PRO B 107 -15.84 26.95 19.96
CA PRO B 107 -15.54 28.33 19.51
C PRO B 107 -14.63 29.08 20.45
N SER B 108 -14.75 28.86 21.77
CA SER B 108 -13.80 29.42 22.71
C SER B 108 -12.44 28.76 22.63
N GLY B 109 -12.37 27.53 22.12
CA GLY B 109 -11.12 26.79 22.03
C GLY B 109 -10.77 26.00 23.27
N ASN B 110 -11.56 26.10 24.34
CA ASN B 110 -11.20 25.41 25.57
C ASN B 110 -11.46 23.91 25.48
N TYR B 111 -12.40 23.49 24.64
CA TYR B 111 -12.86 22.10 24.62
C TYR B 111 -12.79 21.54 23.21
N VAL B 112 -12.38 20.28 23.13
CA VAL B 112 -12.52 19.49 21.91
C VAL B 112 -13.54 18.38 22.20
N ALA B 113 -13.93 17.68 21.14
CA ALA B 113 -14.87 16.59 21.29
C ALA B 113 -14.51 15.49 20.30
N CYS B 114 -15.00 14.28 20.58
CA CYS B 114 -14.79 13.17 19.66
C CYS B 114 -15.92 12.16 19.84
N GLY B 115 -16.27 11.50 18.75
CA GLY B 115 -17.26 10.45 18.79
C GLY B 115 -17.09 9.53 17.61
N GLY B 116 -17.73 8.38 17.69
CA GLY B 116 -17.65 7.41 16.61
C GLY B 116 -18.48 6.17 16.84
N LEU B 117 -17.89 5.01 16.55
CA LEU B 117 -18.60 3.75 16.73
C LEU B 117 -18.83 3.41 18.17
N ASP B 118 -18.53 4.25 19.16
CA ASP B 118 -18.77 3.92 20.56
C ASP B 118 -20.09 4.49 21.08
N ASN B 119 -20.82 5.26 20.28
CA ASN B 119 -22.09 5.89 20.60
C ASN B 119 -21.98 6.98 21.66
N ILE B 120 -20.76 7.35 22.08
CA ILE B 120 -20.55 8.31 23.15
C ILE B 120 -19.79 9.50 22.60
N CYS B 121 -20.28 10.71 22.88
CA CYS B 121 -19.60 11.94 22.51
C CYS B 121 -18.80 12.42 23.71
N SER B 122 -17.47 12.34 23.61
CA SER B 122 -16.58 12.68 24.70
C SER B 122 -16.08 14.10 24.52
N ILE B 123 -16.17 14.90 25.58
CA ILE B 123 -15.74 16.30 25.59
C ILE B 123 -14.49 16.40 26.44
N TYR B 124 -13.41 16.87 25.84
CA TYR B 124 -12.12 17.03 26.49
C TYR B 124 -11.81 18.51 26.70
N ASN B 125 -11.15 18.82 27.81
CA ASN B 125 -10.83 20.19 28.19
C ASN B 125 -9.35 20.47 27.98
N LEU B 126 -9.05 21.54 27.25
CA LEU B 126 -7.68 21.91 26.92
C LEU B 126 -7.08 22.92 27.89
N LYS B 127 -7.83 23.35 28.89
CA LYS B 127 -7.41 24.42 29.79
C LYS B 127 -7.54 24.01 31.24
N THR B 128 -7.04 22.81 31.56
CA THR B 128 -7.06 22.33 32.92
C THR B 128 -6.06 23.10 33.77
N ARG B 129 -6.19 22.95 35.10
CA ARG B 129 -5.21 23.55 36.01
C ARG B 129 -3.83 22.95 35.80
N GLU B 130 -3.75 21.63 35.59
CA GLU B 130 -2.48 20.99 35.24
C GLU B 130 -1.96 21.45 33.89
N GLY B 131 -2.85 21.72 32.93
CA GLY B 131 -2.45 22.12 31.60
C GLY B 131 -2.54 21.03 30.56
N ASN B 132 -2.78 19.78 30.95
CA ASN B 132 -2.96 18.69 30.01
C ASN B 132 -4.44 18.59 29.63
N VAL B 133 -4.81 17.50 28.95
CA VAL B 133 -6.18 17.29 28.49
C VAL B 133 -6.70 15.99 29.08
N ARG B 134 -7.86 16.05 29.73
CA ARG B 134 -8.50 14.90 30.34
C ARG B 134 -9.93 14.79 29.83
N VAL B 135 -10.61 13.72 30.25
CA VAL B 135 -11.98 13.46 29.81
C VAL B 135 -12.94 14.27 30.65
N SER B 136 -13.24 15.50 30.19
CA SER B 136 -14.09 16.38 30.98
C SER B 136 -15.51 15.85 31.11
N ARG B 137 -16.06 15.33 30.01
CA ARG B 137 -17.45 14.91 30.03
C ARG B 137 -17.66 13.77 29.04
N GLU B 138 -18.65 12.93 29.32
CA GLU B 138 -19.10 11.88 28.41
C GLU B 138 -20.59 12.03 28.21
N LEU B 139 -21.03 12.13 26.95
CA LEU B 139 -22.43 12.30 26.60
C LEU B 139 -22.88 11.03 25.88
N ALA B 140 -23.58 10.17 26.60
CA ALA B 140 -24.17 8.96 26.04
C ALA B 140 -25.67 9.13 25.88
N GLY B 141 -26.24 8.35 24.96
CA GLY B 141 -27.65 8.47 24.66
C GLY B 141 -27.98 8.22 23.21
N HIS B 142 -26.97 8.14 22.36
CA HIS B 142 -27.15 7.72 20.98
C HIS B 142 -27.12 6.19 20.91
N THR B 143 -27.94 5.63 20.04
CA THR B 143 -27.98 4.20 19.80
C THR B 143 -27.31 3.81 18.49
N GLY B 144 -26.49 4.70 17.93
CA GLY B 144 -25.74 4.39 16.72
C GLY B 144 -24.45 5.17 16.71
N TYR B 145 -23.62 4.86 15.72
CA TYR B 145 -22.31 5.51 15.62
C TYR B 145 -22.45 7.01 15.47
N LEU B 146 -21.56 7.75 16.13
CA LEU B 146 -21.50 9.19 15.97
C LEU B 146 -20.86 9.53 14.63
N SER B 147 -21.53 10.39 13.86
CA SER B 147 -21.01 10.76 12.55
C SER B 147 -20.50 12.20 12.49
N CYS B 148 -21.10 13.11 13.23
CA CYS B 148 -20.64 14.50 13.26
C CYS B 148 -21.10 15.14 14.55
N CYS B 149 -20.41 16.22 14.93
CA CYS B 149 -20.75 16.98 16.11
C CYS B 149 -20.25 18.40 15.92
N ARG B 150 -20.95 19.35 16.55
CA ARG B 150 -20.59 20.75 16.45
C ARG B 150 -20.85 21.43 17.78
N PHE B 151 -19.89 22.25 18.22
CA PHE B 151 -20.06 23.02 19.44
C PHE B 151 -20.83 24.30 19.15
N LEU B 152 -21.79 24.62 20.01
CA LEU B 152 -22.42 25.93 20.02
C LEU B 152 -21.80 26.87 21.03
N ASP B 153 -21.38 26.35 22.18
CA ASP B 153 -20.73 27.11 23.24
C ASP B 153 -20.02 26.09 24.14
N ASP B 154 -19.55 26.55 25.29
CA ASP B 154 -18.88 25.66 26.23
C ASP B 154 -19.84 24.71 26.93
N ASN B 155 -21.16 24.94 26.79
CA ASN B 155 -22.15 24.15 27.52
C ASN B 155 -23.08 23.34 26.63
N GLN B 156 -23.27 23.72 25.37
CA GLN B 156 -24.20 23.03 24.49
C GLN B 156 -23.48 22.55 23.25
N ILE B 157 -23.70 21.28 22.88
CA ILE B 157 -23.10 20.69 21.68
C ILE B 157 -24.17 19.90 20.95
N VAL B 158 -24.22 20.04 19.63
CA VAL B 158 -25.16 19.30 18.80
C VAL B 158 -24.40 18.17 18.11
N THR B 159 -24.99 16.97 18.11
CA THR B 159 -24.35 15.78 17.57
C THR B 159 -25.31 15.06 16.64
N SER B 160 -24.74 14.30 15.70
CA SER B 160 -25.50 13.45 14.79
C SER B 160 -25.02 12.02 14.93
N SER B 161 -25.95 11.07 14.92
CA SER B 161 -25.63 9.68 15.16
C SER B 161 -26.05 8.83 13.98
N GLY B 162 -25.65 7.55 14.05
CA GLY B 162 -26.07 6.52 13.13
C GLY B 162 -27.38 5.87 13.48
N ASP B 163 -28.15 6.45 14.40
CA ASP B 163 -29.48 5.99 14.74
C ASP B 163 -30.56 6.82 14.07
N THR B 164 -30.21 7.62 13.06
CA THR B 164 -31.07 8.46 12.24
C THR B 164 -31.58 9.69 12.98
N THR B 165 -31.04 10.01 14.16
CA THR B 165 -31.50 11.16 14.93
C THR B 165 -30.31 12.01 15.38
N CYS B 166 -30.56 13.30 15.57
CA CYS B 166 -29.60 14.23 16.13
C CYS B 166 -29.96 14.57 17.57
N ALA B 167 -28.98 15.07 18.31
CA ALA B 167 -29.21 15.34 19.73
C ALA B 167 -28.44 16.59 20.15
N LEU B 168 -29.15 17.51 20.79
CA LEU B 168 -28.57 18.70 21.40
C LEU B 168 -28.35 18.42 22.88
N TRP B 169 -27.10 18.51 23.32
CA TRP B 169 -26.66 18.12 24.66
C TRP B 169 -26.27 19.35 25.46
N ASP B 170 -26.77 19.41 26.70
CA ASP B 170 -26.22 20.30 27.72
C ASP B 170 -25.03 19.62 28.35
N ILE B 171 -23.83 20.18 28.12
CA ILE B 171 -22.60 19.50 28.53
C ILE B 171 -22.51 19.39 30.05
N GLU B 172 -22.92 20.45 30.76
CA GLU B 172 -22.73 20.48 32.21
C GLU B 172 -23.50 19.37 32.90
N THR B 173 -24.76 19.15 32.51
CA THR B 173 -25.57 18.11 33.12
C THR B 173 -25.41 16.76 32.43
N GLY B 174 -25.16 16.75 31.12
CA GLY B 174 -24.98 15.52 30.38
C GLY B 174 -26.23 14.94 29.78
N GLN B 175 -27.34 15.67 29.81
CA GLN B 175 -28.62 15.18 29.29
C GLN B 175 -28.95 15.87 27.98
N GLN B 176 -29.68 15.17 27.11
CA GLN B 176 -30.12 15.77 25.85
C GLN B 176 -31.10 16.90 26.14
N THR B 177 -30.66 18.13 25.88
CA THR B 177 -31.60 19.24 25.91
C THR B 177 -32.65 19.11 24.81
N THR B 178 -32.27 18.53 23.68
CA THR B 178 -33.21 18.38 22.58
C THR B 178 -32.88 17.12 21.80
N THR B 179 -33.92 16.53 21.19
CA THR B 179 -33.76 15.39 20.30
C THR B 179 -34.46 15.69 18.98
N PHE B 180 -33.72 15.56 17.88
CA PHE B 180 -34.21 15.87 16.54
C PHE B 180 -34.40 14.56 15.79
N THR B 181 -35.64 14.29 15.38
CA THR B 181 -35.99 13.05 14.69
C THR B 181 -36.77 13.38 13.42
N GLY B 182 -36.74 12.44 12.48
CA GLY B 182 -37.44 12.63 11.22
C GLY B 182 -36.72 12.02 10.04
N HIS B 183 -35.41 11.79 10.17
CA HIS B 183 -34.66 11.11 9.14
C HIS B 183 -34.92 9.61 9.17
N THR B 184 -34.84 8.98 8.01
CA THR B 184 -34.99 7.54 7.89
C THR B 184 -33.65 6.83 7.73
N GLY B 185 -32.68 7.46 7.04
CA GLY B 185 -31.34 6.93 6.96
C GLY B 185 -30.42 7.53 7.99
N ASP B 186 -29.27 6.88 8.18
CA ASP B 186 -28.29 7.35 9.14
C ASP B 186 -27.84 8.77 8.82
N VAL B 187 -27.74 9.61 9.84
CA VAL B 187 -27.32 10.99 9.67
C VAL B 187 -25.80 11.00 9.62
N MET B 188 -25.25 11.51 8.51
CA MET B 188 -23.81 11.44 8.30
C MET B 188 -23.07 12.72 8.69
N SER B 189 -23.74 13.86 8.71
CA SER B 189 -23.08 15.11 9.02
C SER B 189 -24.12 16.14 9.42
N LEU B 190 -23.65 17.23 10.02
CA LEU B 190 -24.47 18.38 10.33
C LEU B 190 -23.58 19.62 10.30
N SER B 191 -24.21 20.79 10.38
CA SER B 191 -23.47 22.05 10.36
C SER B 191 -24.33 23.13 10.98
N LEU B 192 -23.80 23.85 11.95
CA LEU B 192 -24.54 24.94 12.56
C LEU B 192 -24.61 26.14 11.62
N ALA B 193 -25.68 26.92 11.78
CA ALA B 193 -25.79 28.17 11.05
C ALA B 193 -24.84 29.21 11.63
N PRO B 194 -24.51 30.26 10.88
CA PRO B 194 -23.69 31.35 11.45
C PRO B 194 -24.28 31.94 12.72
N ASP B 195 -25.61 32.06 12.79
CA ASP B 195 -26.27 32.52 14.00
C ASP B 195 -26.53 31.39 15.00
N THR B 196 -26.16 30.16 14.65
CA THR B 196 -26.31 28.99 15.52
C THR B 196 -27.74 28.82 16.00
N ARG B 197 -28.72 29.11 15.15
CA ARG B 197 -30.12 28.90 15.47
C ARG B 197 -30.78 27.83 14.61
N LEU B 198 -30.28 27.61 13.39
CA LEU B 198 -30.72 26.52 12.54
C LEU B 198 -29.52 25.63 12.21
N PHE B 199 -29.80 24.38 11.86
CA PHE B 199 -28.73 23.49 11.41
C PHE B 199 -29.28 22.45 10.47
N VAL B 200 -28.51 22.15 9.42
CA VAL B 200 -28.90 21.20 8.38
C VAL B 200 -28.12 19.91 8.58
N SER B 201 -28.82 18.79 8.55
CA SER B 201 -28.22 17.46 8.68
C SER B 201 -28.58 16.63 7.45
N GLY B 202 -27.56 16.06 6.82
CA GLY B 202 -27.77 15.16 5.69
C GLY B 202 -27.74 13.72 6.16
N ALA B 203 -28.62 12.91 5.57
CA ALA B 203 -28.75 11.53 6.00
C ALA B 203 -28.58 10.57 4.84
N CYS B 204 -28.60 9.27 5.15
CA CYS B 204 -28.46 8.21 4.17
C CYS B 204 -29.77 7.90 3.45
N ASP B 205 -30.74 8.81 3.48
CA ASP B 205 -31.95 8.71 2.68
C ASP B 205 -31.93 9.63 1.48
N ALA B 206 -30.75 10.14 1.11
CA ALA B 206 -30.60 11.11 0.03
C ALA B 206 -31.41 12.38 0.31
N SER B 207 -31.36 12.86 1.55
CA SER B 207 -32.12 14.05 1.93
C SER B 207 -31.42 14.77 3.06
N ALA B 208 -31.62 16.09 3.10
CA ALA B 208 -31.13 16.94 4.17
C ALA B 208 -32.31 17.58 4.88
N LYS B 209 -32.16 17.80 6.19
CA LYS B 209 -33.22 18.37 6.99
C LYS B 209 -32.71 19.58 7.75
N LEU B 210 -33.46 20.67 7.70
CA LEU B 210 -33.12 21.91 8.38
C LEU B 210 -33.94 22.01 9.66
N TRP B 211 -33.25 22.02 10.81
CA TRP B 211 -33.89 22.01 12.11
C TRP B 211 -33.67 23.34 12.80
N ASP B 212 -34.74 23.88 13.39
CA ASP B 212 -34.63 24.97 14.35
C ASP B 212 -34.20 24.38 15.69
N VAL B 213 -33.10 24.89 16.24
CA VAL B 213 -32.53 24.27 17.43
C VAL B 213 -33.43 24.48 18.64
N ARG B 214 -34.07 25.65 18.74
CA ARG B 214 -34.91 25.93 19.91
C ARG B 214 -36.20 25.12 19.88
N GLU B 215 -36.85 25.04 18.72
CA GLU B 215 -38.11 24.31 18.62
C GLU B 215 -37.91 22.80 18.64
N GLY B 216 -36.79 22.32 18.11
CA GLY B 216 -36.58 20.88 18.01
C GLY B 216 -37.37 20.21 16.91
N MET B 217 -37.81 20.97 15.91
CA MET B 217 -38.63 20.45 14.83
C MET B 217 -37.97 20.76 13.48
N CYS B 218 -38.24 19.90 12.51
CA CYS B 218 -37.66 20.02 11.18
C CYS B 218 -38.42 21.08 10.40
N ARG B 219 -37.75 22.19 10.11
CA ARG B 219 -38.40 23.28 9.39
C ARG B 219 -38.61 22.93 7.92
N GLN B 220 -37.59 22.39 7.26
CA GLN B 220 -37.66 22.10 5.84
C GLN B 220 -36.91 20.81 5.55
N THR B 221 -37.31 20.15 4.46
CA THR B 221 -36.62 18.96 3.97
C THR B 221 -36.25 19.18 2.52
N PHE B 222 -34.97 18.98 2.20
CA PHE B 222 -34.42 19.23 0.88
C PHE B 222 -34.00 17.91 0.26
N THR B 223 -34.51 17.66 -0.94
CA THR B 223 -34.25 16.43 -1.69
C THR B 223 -33.70 16.78 -3.07
N GLY B 224 -33.21 15.76 -3.76
CA GLY B 224 -32.61 15.96 -5.06
C GLY B 224 -31.41 15.05 -5.26
N HIS B 225 -30.79 14.65 -4.16
CA HIS B 225 -29.69 13.70 -4.23
C HIS B 225 -30.21 12.31 -4.56
N GLU B 226 -29.32 11.49 -5.12
CA GLU B 226 -29.69 10.17 -5.59
C GLU B 226 -29.25 9.06 -4.66
N SER B 227 -28.20 9.29 -3.86
CA SER B 227 -27.68 8.29 -2.95
C SER B 227 -27.37 8.97 -1.62
N ASP B 228 -26.65 8.26 -0.76
CA ASP B 228 -26.39 8.72 0.60
C ASP B 228 -25.68 10.06 0.59
N ILE B 229 -26.07 10.94 1.50
CA ILE B 229 -25.41 12.23 1.68
C ILE B 229 -24.35 12.07 2.76
N ASN B 230 -23.10 12.34 2.41
CA ASN B 230 -21.96 12.12 3.29
C ASN B 230 -21.51 13.35 4.05
N ALA B 231 -21.68 14.54 3.47
CA ALA B 231 -21.18 15.76 4.10
C ALA B 231 -22.10 16.91 3.75
N ILE B 232 -22.12 17.91 4.63
CA ILE B 232 -23.04 19.03 4.49
C ILE B 232 -22.44 20.24 5.21
N CYS B 233 -22.72 21.43 4.70
CA CYS B 233 -22.18 22.65 5.28
C CYS B 233 -23.00 23.84 4.79
N PHE B 234 -23.18 24.83 5.66
CA PHE B 234 -23.87 26.05 5.28
C PHE B 234 -23.02 26.94 4.39
N PHE B 235 -23.69 27.63 3.47
CA PHE B 235 -23.11 28.80 2.83
C PHE B 235 -22.76 29.82 3.92
N PRO B 236 -21.65 30.56 3.79
CA PRO B 236 -21.27 31.48 4.87
C PRO B 236 -22.29 32.57 5.17
N ASN B 237 -23.20 32.89 4.25
CA ASN B 237 -24.24 33.86 4.56
C ASN B 237 -25.34 33.27 5.44
N GLY B 238 -25.41 31.95 5.55
CA GLY B 238 -26.37 31.29 6.42
C GLY B 238 -27.74 31.03 5.83
N ASN B 239 -27.99 31.47 4.59
CA ASN B 239 -29.29 31.30 3.95
C ASN B 239 -29.20 30.34 2.76
N ALA B 240 -28.26 29.40 2.84
CA ALA B 240 -28.09 28.34 1.85
C ALA B 240 -27.14 27.32 2.45
N PHE B 241 -27.01 26.17 1.77
CA PHE B 241 -26.05 25.17 2.22
C PHE B 241 -25.71 24.26 1.04
N ALA B 242 -24.71 23.40 1.25
CA ALA B 242 -24.23 22.49 0.22
C ALA B 242 -24.14 21.09 0.79
N THR B 243 -24.32 20.10 -0.09
CA THR B 243 -24.33 18.70 0.28
C THR B 243 -23.49 17.92 -0.71
N GLY B 244 -22.80 16.89 -0.22
CA GLY B 244 -22.09 15.96 -1.07
C GLY B 244 -22.68 14.57 -0.88
N SER B 245 -22.71 13.79 -1.96
CA SER B 245 -23.38 12.49 -1.92
C SER B 245 -22.60 11.48 -2.75
N ASP B 246 -23.05 10.22 -2.67
CA ASP B 246 -22.41 9.12 -3.37
C ASP B 246 -22.72 9.09 -4.87
N ASP B 247 -23.67 9.89 -5.34
CA ASP B 247 -23.94 9.96 -6.77
C ASP B 247 -22.98 10.88 -7.51
N ALA B 248 -21.87 11.26 -6.88
CA ALA B 248 -20.83 12.09 -7.49
C ALA B 248 -21.33 13.49 -7.85
N THR B 249 -22.31 14.00 -7.11
CA THR B 249 -22.84 15.34 -7.34
C THR B 249 -22.83 16.11 -6.03
N CYS B 250 -22.31 17.33 -6.07
CA CYS B 250 -22.54 18.30 -5.01
C CYS B 250 -23.79 19.09 -5.33
N ARG B 251 -24.52 19.49 -4.29
CA ARG B 251 -25.79 20.19 -4.50
C ARG B 251 -25.92 21.34 -3.52
N LEU B 252 -26.12 22.54 -4.04
CA LEU B 252 -26.35 23.73 -3.23
C LEU B 252 -27.84 24.03 -3.21
N PHE B 253 -28.42 24.04 -2.02
CA PHE B 253 -29.80 24.39 -1.75
C PHE B 253 -29.86 25.74 -1.05
N ASP B 254 -31.03 26.39 -1.12
CA ASP B 254 -31.29 27.61 -0.38
C ASP B 254 -32.52 27.42 0.49
N LEU B 255 -32.39 27.82 1.76
CA LEU B 255 -33.47 27.59 2.72
C LEU B 255 -34.73 28.35 2.36
N ARG B 256 -34.57 29.60 1.88
CA ARG B 256 -35.72 30.46 1.62
C ARG B 256 -36.46 30.10 0.34
N ALA B 257 -35.93 29.19 -0.47
CA ALA B 257 -36.62 28.72 -1.67
C ALA B 257 -36.96 27.23 -1.62
N ASP B 258 -36.43 26.50 -0.63
CA ASP B 258 -36.74 25.11 -0.32
C ASP B 258 -36.27 24.13 -1.41
N GLN B 259 -35.70 24.62 -2.50
CA GLN B 259 -35.36 23.75 -3.62
C GLN B 259 -33.90 23.97 -4.04
N GLU B 260 -33.36 22.96 -4.71
CA GLU B 260 -31.97 22.97 -5.14
C GLU B 260 -31.65 24.19 -6.00
N LEU B 261 -30.54 24.85 -5.69
CA LEU B 261 -30.06 25.95 -6.51
C LEU B 261 -29.10 25.47 -7.59
N MET B 262 -28.12 24.65 -7.21
CA MET B 262 -27.10 24.28 -8.18
C MET B 262 -26.63 22.85 -7.95
N THR B 263 -26.09 22.24 -9.00
CA THR B 263 -25.48 20.93 -8.95
C THR B 263 -24.10 20.98 -9.59
N TYR B 264 -23.15 20.29 -8.98
CA TYR B 264 -21.75 20.28 -9.39
C TYR B 264 -21.34 18.83 -9.61
N SER B 265 -21.23 18.43 -10.87
CA SER B 265 -20.79 17.08 -11.21
C SER B 265 -20.22 17.08 -12.62
N HIS B 266 -19.37 16.08 -12.88
CA HIS B 266 -18.76 15.91 -14.18
C HIS B 266 -18.82 14.43 -14.56
N ASP B 267 -18.78 14.17 -15.87
CA ASP B 267 -18.86 12.79 -16.35
C ASP B 267 -17.67 11.97 -15.88
N ASN B 268 -16.48 12.57 -15.87
CA ASN B 268 -15.29 11.87 -15.41
C ASN B 268 -15.35 11.51 -13.93
N ILE B 269 -16.19 12.19 -13.15
CA ILE B 269 -16.33 11.93 -11.73
C ILE B 269 -17.39 10.85 -11.54
N ILE B 270 -16.97 9.71 -11.00
CA ILE B 270 -17.88 8.59 -10.77
C ILE B 270 -17.76 8.13 -9.32
N CYS B 271 -17.30 9.03 -8.45
CA CYS B 271 -17.11 8.72 -7.04
C CYS B 271 -17.78 9.79 -6.20
N GLY B 272 -18.17 9.42 -4.98
CA GLY B 272 -18.92 10.32 -4.14
C GLY B 272 -18.07 11.40 -3.51
N ILE B 273 -18.76 12.35 -2.89
CA ILE B 273 -18.14 13.45 -2.15
C ILE B 273 -18.23 13.11 -0.67
N THR B 274 -17.07 13.00 -0.02
CA THR B 274 -17.02 12.61 1.38
C THR B 274 -16.91 13.79 2.33
N SER B 275 -16.49 14.95 1.85
CA SER B 275 -16.35 16.12 2.69
C SER B 275 -16.63 17.36 1.84
N VAL B 276 -17.11 18.41 2.50
CA VAL B 276 -17.52 19.62 1.80
C VAL B 276 -17.30 20.79 2.75
N SER B 277 -16.88 21.92 2.18
CA SER B 277 -16.63 23.12 2.98
C SER B 277 -16.53 24.35 2.09
N PHE B 278 -17.34 25.36 2.40
CA PHE B 278 -17.28 26.60 1.65
C PHE B 278 -16.10 27.45 2.10
N SER B 279 -15.68 28.35 1.22
CA SER B 279 -14.68 29.34 1.58
C SER B 279 -15.36 30.54 2.23
N LYS B 280 -14.58 31.54 2.61
CA LYS B 280 -15.14 32.72 3.28
C LYS B 280 -16.07 33.49 2.36
N SER B 281 -15.68 33.65 1.11
CA SER B 281 -16.46 34.45 0.16
C SER B 281 -17.70 33.75 -0.34
N GLY B 282 -17.80 32.43 -0.18
CA GLY B 282 -18.91 31.71 -0.77
C GLY B 282 -18.84 31.59 -2.27
N ARG B 283 -17.70 31.93 -2.88
CA ARG B 283 -17.51 31.79 -4.31
C ARG B 283 -16.80 30.51 -4.68
N LEU B 284 -16.11 29.88 -3.74
CA LEU B 284 -15.50 28.58 -3.96
C LEU B 284 -16.14 27.56 -3.03
N LEU B 285 -16.15 26.32 -3.49
CA LEU B 285 -16.71 25.19 -2.74
C LEU B 285 -15.73 24.05 -2.83
N LEU B 286 -15.09 23.70 -1.73
CA LEU B 286 -14.08 22.66 -1.73
C LEU B 286 -14.74 21.34 -1.31
N ALA B 287 -14.64 20.33 -2.18
CA ALA B 287 -15.27 19.04 -1.95
C ALA B 287 -14.24 17.94 -2.10
N GLY B 288 -14.09 17.11 -1.07
CA GLY B 288 -13.20 15.97 -1.13
C GLY B 288 -13.91 14.77 -1.74
N TYR B 289 -13.19 14.03 -2.56
CA TYR B 289 -13.78 12.94 -3.32
C TYR B 289 -13.16 11.60 -2.92
N ASP B 290 -13.86 10.53 -3.31
CA ASP B 290 -13.38 9.17 -3.05
C ASP B 290 -12.23 8.78 -3.95
N ASP B 291 -12.02 9.48 -5.07
CA ASP B 291 -10.94 9.17 -6.00
C ASP B 291 -9.61 9.77 -5.59
N PHE B 292 -9.45 10.08 -4.31
CA PHE B 292 -8.25 10.55 -3.64
C PHE B 292 -7.99 12.03 -3.93
N ASN B 293 -8.87 12.70 -4.65
CA ASN B 293 -8.70 14.10 -5.02
C ASN B 293 -9.72 14.97 -4.30
N CYS B 294 -9.37 16.25 -4.18
CA CYS B 294 -10.27 17.28 -3.70
C CYS B 294 -10.40 18.33 -4.79
N ASN B 295 -11.63 18.74 -5.09
CA ASN B 295 -11.89 19.67 -6.17
C ASN B 295 -12.50 20.95 -5.64
N VAL B 296 -12.06 22.07 -6.20
CA VAL B 296 -12.57 23.39 -5.85
C VAL B 296 -13.53 23.80 -6.96
N TRP B 297 -14.81 23.93 -6.62
CA TRP B 297 -15.88 24.23 -7.54
C TRP B 297 -16.22 25.72 -7.48
N ASP B 298 -16.42 26.32 -8.64
CA ASP B 298 -16.91 27.69 -8.73
C ASP B 298 -18.40 27.65 -8.44
N ALA B 299 -18.75 27.89 -7.17
CA ALA B 299 -20.12 27.65 -6.70
C ALA B 299 -21.16 28.45 -7.45
N LEU B 300 -20.79 29.55 -8.07
CA LEU B 300 -21.75 30.33 -8.84
C LEU B 300 -21.83 29.87 -10.30
N LYS B 301 -20.68 29.62 -10.92
CA LYS B 301 -20.68 29.15 -12.30
C LYS B 301 -20.78 27.64 -12.42
N ALA B 302 -20.73 26.92 -11.29
CA ALA B 302 -20.97 25.49 -11.21
C ALA B 302 -19.88 24.67 -11.89
N ASP B 303 -18.91 25.33 -12.51
CA ASP B 303 -17.80 24.64 -13.14
C ASP B 303 -16.66 24.46 -12.14
N ARG B 304 -15.93 23.37 -12.28
CA ARG B 304 -14.78 23.14 -11.42
C ARG B 304 -13.73 24.22 -11.65
N ALA B 305 -13.25 24.82 -10.57
CA ALA B 305 -12.24 25.86 -10.67
C ALA B 305 -10.83 25.29 -10.55
N GLY B 306 -10.65 24.26 -9.73
CA GLY B 306 -9.32 23.71 -9.56
C GLY B 306 -9.36 22.33 -8.95
N VAL B 307 -8.18 21.71 -8.89
CA VAL B 307 -8.01 20.38 -8.31
C VAL B 307 -6.93 20.45 -7.25
N LEU B 308 -7.23 19.94 -6.06
CA LEU B 308 -6.23 19.83 -4.99
C LEU B 308 -5.61 18.43 -4.99
N ALA B 309 -4.94 18.12 -6.09
CA ALA B 309 -4.25 16.84 -6.22
C ALA B 309 -3.03 16.80 -5.32
N GLY B 310 -2.72 15.61 -4.82
CA GLY B 310 -1.59 15.43 -3.96
C GLY B 310 -1.82 14.42 -2.85
N HIS B 311 -3.08 14.12 -2.58
CA HIS B 311 -3.41 13.14 -1.54
C HIS B 311 -3.28 11.73 -2.10
N ASP B 312 -2.71 10.85 -1.28
CA ASP B 312 -2.41 9.49 -1.70
C ASP B 312 -3.55 8.52 -1.41
N ASN B 313 -4.65 8.98 -0.82
CA ASN B 313 -5.78 8.11 -0.53
C ASN B 313 -7.03 8.97 -0.38
N ARG B 314 -8.11 8.33 0.07
CA ARG B 314 -9.40 9.00 0.18
C ARG B 314 -9.32 10.22 1.09
N VAL B 315 -9.86 11.35 0.60
CA VAL B 315 -9.89 12.60 1.42
C VAL B 315 -11.12 12.49 2.32
N SER B 316 -10.91 12.28 3.63
CA SER B 316 -12.02 12.03 4.57
C SER B 316 -12.59 13.32 5.15
N CYS B 317 -11.80 14.39 5.20
CA CYS B 317 -12.30 15.62 5.87
C CYS B 317 -11.65 16.86 5.31
N LEU B 318 -12.30 18.01 5.47
CA LEU B 318 -11.73 19.31 5.02
C LEU B 318 -12.02 20.35 6.11
N GLY B 319 -11.56 21.58 5.94
CA GLY B 319 -11.86 22.68 6.82
C GLY B 319 -11.28 24.00 6.33
N VAL B 320 -12.10 25.03 6.26
CA VAL B 320 -11.66 26.34 5.84
C VAL B 320 -11.62 27.25 7.06
N THR B 321 -10.59 28.07 7.13
CA THR B 321 -10.41 28.98 8.26
C THR B 321 -11.51 30.04 8.28
N ASP B 322 -11.76 30.58 9.46
CA ASP B 322 -12.77 31.63 9.60
C ASP B 322 -12.39 32.87 8.80
N ASP B 323 -11.10 33.22 8.81
CA ASP B 323 -10.61 34.38 8.07
C ASP B 323 -10.24 34.04 6.64
N GLY B 324 -10.46 32.81 6.20
CA GLY B 324 -10.22 32.42 4.82
C GLY B 324 -8.75 32.34 4.46
N MET B 325 -7.89 32.29 5.47
CA MET B 325 -6.46 32.30 5.22
C MET B 325 -6.01 30.98 4.60
N ALA B 326 -6.43 29.85 5.15
CA ALA B 326 -5.89 28.57 4.71
C ALA B 326 -6.97 27.49 4.76
N VAL B 327 -6.76 26.46 3.95
CA VAL B 327 -7.61 25.27 3.94
C VAL B 327 -6.81 24.14 4.57
N ALA B 328 -7.51 23.16 5.12
CA ALA B 328 -6.88 21.94 5.58
C ALA B 328 -7.69 20.74 5.09
N THR B 329 -6.99 19.70 4.68
CA THR B 329 -7.64 18.46 4.24
C THR B 329 -6.98 17.29 4.96
N GLY B 330 -7.79 16.51 5.65
CA GLY B 330 -7.35 15.21 6.12
C GLY B 330 -7.62 14.15 5.10
N SER B 331 -7.07 12.96 5.39
CA SER B 331 -7.19 11.87 4.41
C SER B 331 -6.94 10.55 5.09
N TRP B 332 -7.12 9.47 4.35
CA TRP B 332 -6.89 8.11 4.90
C TRP B 332 -5.42 7.77 4.70
N ASP B 333 -4.62 8.68 4.15
CA ASP B 333 -3.15 8.46 4.00
C ASP B 333 -2.47 8.85 5.30
N SER B 334 -3.25 9.19 6.33
CA SER B 334 -2.76 9.59 7.64
C SER B 334 -2.05 10.93 7.64
N PHE B 335 -2.13 11.71 6.57
CA PHE B 335 -1.46 13.01 6.49
C PHE B 335 -2.48 14.11 6.35
N LEU B 336 -2.35 15.14 7.18
CA LEU B 336 -3.10 16.38 6.99
C LEU B 336 -2.32 17.28 6.04
N LYS B 337 -3.02 18.04 5.22
CA LYS B 337 -2.37 18.97 4.32
C LYS B 337 -3.01 20.35 4.45
N ILE B 338 -2.20 21.35 4.73
CA ILE B 338 -2.64 22.74 4.83
C ILE B 338 -2.32 23.43 3.52
N TRP B 339 -3.35 23.95 2.86
CA TRP B 339 -3.33 24.43 1.50
C TRP B 339 -3.60 25.93 1.49
N ASN B 340 -3.04 26.61 0.49
CA ASN B 340 -3.34 28.02 0.25
C ASN B 340 -3.51 28.29 -1.25
N SER C 4 -46.20 1.70 11.98
CA SER C 4 -46.56 1.95 10.58
C SER C 4 -47.61 3.04 10.47
N ILE C 5 -48.73 2.85 11.20
CA ILE C 5 -49.78 3.87 11.21
C ILE C 5 -49.28 5.14 11.87
N ALA C 6 -48.60 5.00 13.01
CA ALA C 6 -48.07 6.19 13.69
C ALA C 6 -46.98 6.86 12.87
N GLN C 7 -46.10 6.08 12.24
CA GLN C 7 -45.07 6.66 11.39
C GLN C 7 -45.69 7.39 10.19
N ALA C 8 -46.72 6.79 9.59
CA ALA C 8 -47.39 7.45 8.48
C ALA C 8 -48.08 8.74 8.93
N ARG C 9 -48.68 8.73 10.12
CA ARG C 9 -49.31 9.94 10.64
C ARG C 9 -48.28 11.03 10.88
N LYS C 10 -47.12 10.67 11.45
CA LYS C 10 -46.06 11.66 11.66
C LYS C 10 -45.54 12.20 10.34
N LEU C 11 -45.37 11.33 9.34
CA LEU C 11 -44.91 11.78 8.04
C LEU C 11 -45.93 12.72 7.39
N VAL C 12 -47.21 12.40 7.53
CA VAL C 12 -48.25 13.27 6.97
C VAL C 12 -48.25 14.63 7.67
N GLU C 13 -48.11 14.65 8.99
CA GLU C 13 -48.05 15.91 9.71
C GLU C 13 -46.86 16.75 9.27
N GLN C 14 -45.69 16.11 9.15
CA GLN C 14 -44.50 16.84 8.72
C GLN C 14 -44.65 17.35 7.29
N LEU C 15 -45.26 16.56 6.41
CA LEU C 15 -45.50 17.02 5.05
C LEU C 15 -46.47 18.19 5.02
N LYS C 16 -47.46 18.17 5.90
CA LYS C 16 -48.39 19.30 6.00
C LYS C 16 -47.66 20.57 6.42
N MET C 17 -46.80 20.47 7.45
CA MET C 17 -46.05 21.65 7.87
C MET C 17 -45.10 22.12 6.78
N GLU C 18 -44.49 21.19 6.05
CA GLU C 18 -43.58 21.57 4.96
C GLU C 18 -44.32 22.23 3.80
N ALA C 19 -45.54 21.77 3.52
CA ALA C 19 -46.34 22.42 2.47
C ALA C 19 -46.85 23.77 2.92
N ASN C 20 -47.04 23.96 4.23
CA ASN C 20 -47.52 25.24 4.75
C ASN C 20 -46.42 26.29 4.86
N ILE C 21 -45.16 25.92 4.64
CA ILE C 21 -44.06 26.87 4.81
C ILE C 21 -44.06 27.85 3.64
N ASP C 22 -43.48 29.02 3.88
CA ASP C 22 -43.38 30.05 2.85
C ASP C 22 -42.11 29.86 2.03
N ARG C 23 -42.19 30.21 0.75
CA ARG C 23 -41.07 30.09 -0.16
C ARG C 23 -40.97 31.38 -0.98
N ILE C 24 -39.81 32.03 -0.93
CA ILE C 24 -39.58 33.20 -1.76
C ILE C 24 -39.09 32.75 -3.14
N LYS C 25 -39.12 33.69 -4.09
CA LYS C 25 -38.68 33.39 -5.44
C LYS C 25 -37.20 33.04 -5.45
N VAL C 26 -36.84 32.08 -6.31
CA VAL C 26 -35.44 31.65 -6.42
C VAL C 26 -34.56 32.79 -6.91
N SER C 27 -35.11 33.69 -7.73
CA SER C 27 -34.33 34.83 -8.20
C SER C 27 -33.89 35.71 -7.05
N LYS C 28 -34.75 35.90 -6.05
CA LYS C 28 -34.38 36.70 -4.89
C LYS C 28 -33.23 36.05 -4.11
N ALA C 29 -33.29 34.73 -3.93
CA ALA C 29 -32.21 34.05 -3.22
C ALA C 29 -30.90 34.10 -4.00
N ALA C 30 -30.97 33.92 -5.32
CA ALA C 30 -29.77 34.02 -6.14
C ALA C 30 -29.18 35.42 -6.07
N ALA C 31 -30.04 36.44 -6.07
CA ALA C 31 -29.57 37.81 -5.92
C ALA C 31 -28.91 38.02 -4.56
N ASP C 32 -29.46 37.41 -3.51
CA ASP C 32 -28.88 37.56 -2.19
C ASP C 32 -27.49 36.92 -2.11
N LEU C 33 -27.34 35.72 -2.68
CA LEU C 33 -26.03 35.09 -2.73
C LEU C 33 -25.05 35.89 -3.58
N MET C 34 -25.53 36.47 -4.69
CA MET C 34 -24.67 37.31 -5.50
C MET C 34 -24.20 38.54 -4.72
N ALA C 35 -25.11 39.17 -3.98
CA ALA C 35 -24.75 40.31 -3.16
C ALA C 35 -23.72 39.92 -2.11
N TYR C 36 -23.91 38.77 -1.47
CA TYR C 36 -22.95 38.33 -0.46
C TYR C 36 -21.58 38.09 -1.07
N CYS C 37 -21.53 37.40 -2.21
CA CYS C 37 -20.25 37.12 -2.85
C CYS C 37 -19.56 38.40 -3.31
N GLU C 38 -20.32 39.32 -3.90
CA GLU C 38 -19.71 40.57 -4.37
C GLU C 38 -19.25 41.44 -3.21
N ALA C 39 -19.92 41.34 -2.05
CA ALA C 39 -19.50 42.10 -0.89
C ALA C 39 -18.28 41.49 -0.20
N HIS C 40 -18.14 40.17 -0.22
CA HIS C 40 -17.09 39.50 0.53
C HIS C 40 -16.01 38.87 -0.35
N ALA C 41 -15.98 39.22 -1.64
CA ALA C 41 -14.97 38.64 -2.53
C ALA C 41 -13.56 39.03 -2.12
N LYS C 42 -13.35 40.29 -1.74
CA LYS C 42 -12.01 40.79 -1.47
C LYS C 42 -11.47 40.35 -0.11
N GLU C 43 -12.29 39.74 0.75
CA GLU C 43 -11.87 39.35 2.08
C GLU C 43 -11.47 37.87 2.16
N ASP C 44 -11.40 37.17 1.03
CA ASP C 44 -11.08 35.75 1.01
C ASP C 44 -9.75 35.51 0.31
N PRO C 45 -8.67 35.28 1.04
CA PRO C 45 -7.38 34.95 0.39
C PRO C 45 -7.41 33.64 -0.40
N LEU C 46 -8.52 32.91 -0.41
CA LEU C 46 -8.62 31.73 -1.27
C LEU C 46 -9.06 32.11 -2.68
N LEU C 47 -10.18 32.82 -2.79
CA LEU C 47 -10.64 33.30 -4.08
C LEU C 47 -9.67 34.31 -4.67
N THR C 48 -9.19 35.25 -3.83
CA THR C 48 -8.28 36.30 -4.26
C THR C 48 -6.85 35.96 -3.84
N PRO C 49 -5.86 36.40 -4.61
CA PRO C 49 -4.46 36.07 -4.26
C PRO C 49 -4.09 36.57 -2.87
N VAL C 50 -3.32 35.76 -2.16
CA VAL C 50 -2.94 36.09 -0.78
C VAL C 50 -1.90 37.20 -0.80
N PRO C 51 -2.04 38.25 0.01
CA PRO C 51 -0.95 39.22 0.16
C PRO C 51 0.25 38.58 0.83
N ALA C 52 1.43 38.77 0.25
CA ALA C 52 2.63 38.09 0.75
C ALA C 52 2.97 38.53 2.17
N SER C 53 2.85 39.81 2.48
CA SER C 53 3.18 40.31 3.81
C SER C 53 2.21 39.84 4.89
N GLU C 54 1.06 39.27 4.50
CA GLU C 54 0.09 38.79 5.46
C GLU C 54 -0.09 37.28 5.47
N ASN C 55 0.53 36.56 4.55
CA ASN C 55 0.35 35.12 4.46
C ASN C 55 1.01 34.42 5.65
N PRO C 56 0.28 33.68 6.47
CA PRO C 56 0.92 32.94 7.55
C PRO C 56 1.70 31.72 7.08
N PHE C 57 1.47 31.26 5.86
CA PHE C 57 2.12 30.06 5.35
C PHE C 57 3.08 30.39 4.21
N GLN D 1 -36.77 13.05 -5.23
CA GLN D 1 -36.83 11.95 -4.28
C GLN D 1 -36.84 10.61 -4.99
N VAL D 2 -36.30 9.59 -4.35
CA VAL D 2 -36.26 8.25 -4.93
C VAL D 2 -37.62 7.60 -4.76
N GLN D 3 -38.29 7.32 -5.87
CA GLN D 3 -39.61 6.70 -5.87
C GLN D 3 -39.56 5.42 -6.66
N LEU D 4 -39.98 4.31 -6.04
CA LEU D 4 -40.09 3.02 -6.69
C LEU D 4 -41.49 2.49 -6.43
N GLN D 5 -42.32 2.44 -7.46
CA GLN D 5 -43.71 2.03 -7.33
C GLN D 5 -43.93 0.71 -8.05
N GLU D 6 -44.47 -0.27 -7.34
CA GLU D 6 -44.70 -1.59 -7.89
C GLU D 6 -46.16 -1.75 -8.32
N SER D 7 -46.37 -2.69 -9.25
CA SER D 7 -47.70 -2.99 -9.74
C SER D 7 -47.69 -4.42 -10.31
N GLY D 8 -48.89 -4.99 -10.44
CA GLY D 8 -49.04 -6.31 -11.00
C GLY D 8 -49.32 -7.41 -10.00
N GLY D 9 -49.15 -7.13 -8.70
CA GLY D 9 -49.45 -8.13 -7.70
C GLY D 9 -50.94 -8.38 -7.56
N GLY D 10 -51.30 -9.57 -7.13
CA GLY D 10 -52.69 -9.92 -6.98
C GLY D 10 -52.87 -11.34 -6.51
N LEU D 11 -54.06 -11.89 -6.76
CA LEU D 11 -54.41 -13.24 -6.36
C LEU D 11 -54.34 -14.15 -7.58
N VAL D 12 -53.68 -15.29 -7.43
CA VAL D 12 -53.53 -16.26 -8.51
C VAL D 12 -53.49 -17.66 -7.92
N GLN D 13 -54.14 -18.60 -8.60
CA GLN D 13 -54.12 -19.98 -8.17
C GLN D 13 -52.72 -20.58 -8.38
N PRO D 14 -52.37 -21.61 -7.62
CA PRO D 14 -51.06 -22.23 -7.79
C PRO D 14 -50.86 -22.74 -9.21
N GLY D 15 -49.63 -22.58 -9.71
CA GLY D 15 -49.32 -22.93 -11.07
C GLY D 15 -49.63 -21.85 -12.09
N GLY D 16 -50.11 -20.69 -11.66
CA GLY D 16 -50.44 -19.61 -12.57
C GLY D 16 -49.23 -18.78 -12.94
N SER D 17 -49.51 -17.66 -13.60
CA SER D 17 -48.47 -16.76 -14.08
C SER D 17 -48.84 -15.33 -13.70
N LEU D 18 -47.83 -14.48 -13.66
CA LEU D 18 -48.00 -13.11 -13.19
C LEU D 18 -46.82 -12.28 -13.69
N ARG D 19 -46.93 -10.96 -13.54
CA ARG D 19 -45.85 -10.07 -13.98
C ARG D 19 -45.82 -8.86 -13.05
N LEU D 20 -44.71 -8.69 -12.34
CA LEU D 20 -44.52 -7.55 -11.46
C LEU D 20 -43.71 -6.48 -12.19
N SER D 21 -44.22 -5.25 -12.19
CA SER D 21 -43.58 -4.12 -12.83
C SER D 21 -43.21 -3.09 -11.77
N CYS D 22 -42.03 -2.50 -11.93
CA CYS D 22 -41.49 -1.52 -10.99
C CYS D 22 -41.13 -0.25 -11.77
N ALA D 23 -41.83 0.84 -11.49
CA ALA D 23 -41.55 2.13 -12.09
C ALA D 23 -40.64 2.93 -11.16
N ALA D 24 -39.54 3.42 -11.70
CA ALA D 24 -38.52 4.12 -10.95
C ALA D 24 -38.46 5.58 -11.40
N SER D 25 -38.52 6.50 -10.44
CA SER D 25 -38.42 7.92 -10.72
C SER D 25 -37.51 8.57 -9.68
N GLY D 26 -36.82 9.62 -10.11
CA GLY D 26 -35.94 10.37 -9.24
C GLY D 26 -34.47 10.01 -9.30
N PHE D 27 -34.07 9.13 -10.22
CA PHE D 27 -32.66 8.76 -10.36
C PHE D 27 -32.45 8.17 -11.75
N THR D 28 -31.18 8.05 -12.12
CA THR D 28 -30.80 7.50 -13.42
C THR D 28 -30.78 5.98 -13.31
N PHE D 29 -31.76 5.34 -13.94
CA PHE D 29 -31.97 3.91 -13.74
C PHE D 29 -30.78 3.09 -14.23
N SER D 30 -30.19 3.48 -15.36
CA SER D 30 -29.18 2.66 -16.01
C SER D 30 -27.88 2.54 -15.22
N ASN D 31 -27.68 3.37 -14.19
CA ASN D 31 -26.38 3.38 -13.45
C ASN D 31 -26.49 2.62 -12.13
N TYR D 32 -27.64 2.03 -11.83
CA TYR D 32 -27.84 1.37 -10.51
C TYR D 32 -28.23 -0.08 -10.69
N LYS D 33 -27.61 -0.99 -9.93
CA LYS D 33 -28.05 -2.40 -9.97
C LYS D 33 -29.40 -2.44 -9.28
N MET D 34 -30.30 -3.34 -9.68
CA MET D 34 -31.66 -3.36 -9.10
C MET D 34 -31.97 -4.75 -8.56
N ASN D 35 -32.73 -4.83 -7.47
CA ASN D 35 -32.99 -6.14 -6.83
C ASN D 35 -34.48 -6.31 -6.57
N TRP D 36 -34.99 -7.55 -6.62
CA TRP D 36 -36.40 -7.82 -6.24
C TRP D 36 -36.30 -8.54 -4.90
N VAL D 37 -36.94 -8.02 -3.87
CA VAL D 37 -36.94 -8.65 -2.55
C VAL D 37 -38.39 -8.92 -2.17
N ARG D 38 -38.57 -9.79 -1.19
CA ARG D 38 -39.92 -10.12 -0.76
C ARG D 38 -39.95 -10.33 0.75
N GLN D 39 -41.08 -9.98 1.36
CA GLN D 39 -41.35 -10.25 2.77
C GLN D 39 -42.55 -11.17 2.86
N ALA D 40 -42.32 -12.37 3.41
CA ALA D 40 -43.39 -13.32 3.60
C ALA D 40 -44.22 -12.95 4.83
N PRO D 41 -45.51 -13.28 4.83
CA PRO D 41 -46.33 -12.98 6.02
C PRO D 41 -45.81 -13.64 7.28
N GLY D 42 -45.41 -12.83 8.24
CA GLY D 42 -44.84 -13.33 9.48
C GLY D 42 -43.37 -13.67 9.43
N LYS D 43 -42.66 -13.26 8.38
CA LYS D 43 -41.24 -13.53 8.22
C LYS D 43 -40.51 -12.27 7.79
N GLY D 44 -39.18 -12.33 7.85
CA GLY D 44 -38.37 -11.19 7.51
C GLY D 44 -38.18 -11.00 6.01
N LEU D 45 -37.53 -9.90 5.66
CA LEU D 45 -37.25 -9.60 4.27
C LEU D 45 -36.31 -10.64 3.67
N GLU D 46 -36.60 -11.04 2.44
CA GLU D 46 -35.79 -12.01 1.72
C GLU D 46 -35.50 -11.47 0.33
N TRP D 47 -34.31 -11.80 -0.18
CA TRP D 47 -33.88 -11.35 -1.48
C TRP D 47 -34.29 -12.36 -2.54
N VAL D 48 -35.02 -11.90 -3.55
CA VAL D 48 -35.51 -12.78 -4.61
C VAL D 48 -34.56 -12.83 -5.79
N SER D 49 -34.21 -11.68 -6.35
CA SER D 49 -33.36 -11.68 -7.54
C SER D 49 -32.66 -10.33 -7.66
N ASP D 50 -31.61 -10.31 -8.48
CA ASP D 50 -30.94 -9.06 -8.81
C ASP D 50 -30.49 -9.05 -10.26
N ILE D 51 -30.36 -7.85 -10.80
CA ILE D 51 -29.92 -7.64 -12.18
C ILE D 51 -29.04 -6.40 -12.21
N SER D 52 -27.98 -6.45 -13.01
CA SER D 52 -26.93 -5.44 -12.98
C SER D 52 -27.39 -4.18 -13.71
N GLN D 53 -26.44 -3.28 -13.98
CA GLN D 53 -26.74 -2.00 -14.62
C GLN D 53 -27.31 -2.21 -16.02
N SER D 54 -26.52 -2.81 -16.91
CA SER D 54 -26.95 -3.02 -18.28
C SER D 54 -27.92 -4.19 -18.40
N GLY D 55 -27.99 -5.07 -17.42
CA GLY D 55 -28.85 -6.22 -17.47
C GLY D 55 -28.17 -7.51 -17.87
N ALA D 56 -26.88 -7.48 -18.21
CA ALA D 56 -26.20 -8.68 -18.65
C ALA D 56 -26.10 -9.72 -17.53
N SER D 57 -25.80 -9.28 -16.32
CA SER D 57 -25.61 -10.17 -15.18
C SER D 57 -26.91 -10.29 -14.41
N ILE D 58 -27.42 -11.51 -14.28
CA ILE D 58 -28.69 -11.79 -13.64
C ILE D 58 -28.49 -12.90 -12.63
N SER D 59 -29.04 -12.72 -11.43
CA SER D 59 -28.96 -13.77 -10.43
C SER D 59 -30.31 -13.92 -9.73
N TYR D 60 -30.64 -15.15 -9.38
CA TYR D 60 -31.87 -15.47 -8.67
C TYR D 60 -31.53 -16.23 -7.39
N THR D 61 -32.45 -16.16 -6.43
CA THR D 61 -32.34 -17.04 -5.27
C THR D 61 -32.68 -18.46 -5.68
N GLY D 62 -32.34 -19.41 -4.80
CA GLY D 62 -32.55 -20.81 -5.14
C GLY D 62 -34.00 -21.16 -5.40
N SER D 63 -34.90 -20.60 -4.62
CA SER D 63 -36.31 -20.99 -4.66
C SER D 63 -37.04 -20.48 -5.91
N VAL D 64 -36.43 -19.59 -6.70
CA VAL D 64 -37.12 -19.00 -7.84
C VAL D 64 -36.36 -19.25 -9.12
N LYS D 65 -35.32 -20.09 -9.06
CA LYS D 65 -34.52 -20.37 -10.24
C LYS D 65 -35.32 -21.18 -11.24
N GLY D 66 -35.30 -20.75 -12.49
CA GLY D 66 -36.06 -21.38 -13.55
C GLY D 66 -37.49 -20.90 -13.67
N ARG D 67 -38.14 -20.61 -12.54
CA ARG D 67 -39.53 -20.17 -12.57
C ARG D 67 -39.63 -18.69 -12.97
N PHE D 68 -39.05 -17.82 -12.16
CA PHE D 68 -39.19 -16.38 -12.37
C PHE D 68 -38.09 -15.89 -13.30
N THR D 69 -38.28 -14.68 -13.82
CA THR D 69 -37.31 -14.09 -14.74
C THR D 69 -37.27 -12.59 -14.51
N ILE D 70 -36.12 -12.07 -14.08
CA ILE D 70 -35.94 -10.65 -13.85
C ILE D 70 -35.38 -10.01 -15.11
N SER D 71 -35.80 -8.77 -15.37
CA SER D 71 -35.32 -8.02 -16.52
C SER D 71 -35.55 -6.54 -16.22
N ARG D 72 -35.01 -5.68 -17.09
CA ARG D 72 -35.16 -4.25 -16.87
C ARG D 72 -35.16 -3.52 -18.20
N ASP D 73 -36.13 -2.61 -18.38
CA ASP D 73 -36.19 -1.75 -19.55
C ASP D 73 -35.68 -0.38 -19.11
N ASN D 74 -34.44 -0.07 -19.51
CA ASN D 74 -33.82 1.18 -19.09
C ASN D 74 -34.41 2.38 -19.81
N ALA D 75 -34.88 2.20 -21.04
CA ALA D 75 -35.50 3.30 -21.77
C ALA D 75 -36.76 3.78 -21.05
N LYS D 76 -37.56 2.85 -20.55
CA LYS D 76 -38.76 3.18 -19.79
C LYS D 76 -38.50 3.26 -18.29
N ASN D 77 -37.27 3.04 -17.86
CA ASN D 77 -36.88 3.09 -16.45
C ASN D 77 -37.79 2.22 -15.59
N THR D 78 -37.81 0.93 -15.93
CA THR D 78 -38.70 -0.01 -15.25
C THR D 78 -38.01 -1.36 -15.07
N LEU D 79 -38.47 -2.09 -14.07
CA LEU D 79 -37.92 -3.39 -13.70
C LEU D 79 -39.04 -4.43 -13.71
N TYR D 80 -38.85 -5.51 -14.45
CA TYR D 80 -39.86 -6.54 -14.61
C TYR D 80 -39.44 -7.82 -13.91
N LEU D 81 -40.42 -8.51 -13.32
CA LEU D 81 -40.25 -9.86 -12.79
C LEU D 81 -41.39 -10.73 -13.30
N GLN D 82 -41.08 -11.62 -14.23
CA GLN D 82 -42.06 -12.55 -14.77
C GLN D 82 -42.17 -13.76 -13.84
N MET D 83 -43.36 -13.95 -13.26
CA MET D 83 -43.62 -14.98 -12.28
C MET D 83 -44.28 -16.15 -12.99
N ASN D 84 -43.66 -17.33 -12.94
CA ASN D 84 -44.19 -18.52 -13.59
C ASN D 84 -44.26 -19.67 -12.61
N SER D 85 -45.25 -20.53 -12.82
CA SER D 85 -45.42 -21.77 -12.04
C SER D 85 -45.42 -21.48 -10.54
N LEU D 86 -46.30 -20.57 -10.14
CA LEU D 86 -46.27 -20.07 -8.77
C LEU D 86 -46.70 -21.14 -7.78
N LYS D 87 -46.25 -20.98 -6.54
CA LYS D 87 -46.50 -21.91 -5.46
C LYS D 87 -47.12 -21.19 -4.28
N PRO D 88 -47.88 -21.89 -3.43
CA PRO D 88 -48.53 -21.21 -2.30
C PRO D 88 -47.56 -20.54 -1.35
N GLU D 89 -46.32 -21.04 -1.25
CA GLU D 89 -45.33 -20.39 -0.39
C GLU D 89 -44.67 -19.18 -1.05
N ASP D 90 -45.15 -18.76 -2.22
CA ASP D 90 -44.68 -17.54 -2.87
C ASP D 90 -45.53 -16.33 -2.51
N THR D 91 -46.54 -16.50 -1.66
CA THR D 91 -47.36 -15.37 -1.23
C THR D 91 -46.53 -14.47 -0.31
N ALA D 92 -46.40 -13.20 -0.71
CA ALA D 92 -45.53 -12.27 0.01
C ALA D 92 -45.75 -10.88 -0.56
N VAL D 93 -45.18 -9.89 0.12
CA VAL D 93 -45.14 -8.53 -0.40
C VAL D 93 -43.80 -8.36 -1.12
N TYR D 94 -43.85 -8.01 -2.40
CA TYR D 94 -42.67 -7.90 -3.24
C TYR D 94 -42.28 -6.43 -3.37
N TYR D 95 -41.09 -6.11 -2.87
CA TYR D 95 -40.52 -4.77 -2.97
C TYR D 95 -39.44 -4.75 -4.05
N CYS D 96 -39.34 -3.62 -4.74
CA CYS D 96 -38.35 -3.45 -5.85
C CYS D 96 -37.24 -2.59 -5.31
N ALA D 97 -36.14 -3.20 -4.86
CA ALA D 97 -35.07 -2.43 -4.18
C ALA D 97 -34.11 -1.80 -5.19
N ARG D 98 -33.27 -0.89 -4.72
CA ARG D 98 -32.23 -0.28 -5.58
C ARG D 98 -30.94 -0.39 -4.81
N CYS D 99 -29.81 -0.55 -5.48
CA CYS D 99 -28.52 -0.57 -4.74
C CYS D 99 -28.23 0.82 -4.20
N PRO D 100 -27.59 0.96 -3.02
CA PRO D 100 -27.41 2.27 -2.42
C PRO D 100 -26.57 3.24 -3.27
N ALA D 101 -25.45 2.78 -3.85
CA ALA D 101 -24.53 3.68 -4.58
C ALA D 101 -24.41 3.24 -6.05
N PRO D 102 -24.21 4.17 -7.00
CA PRO D 102 -24.09 3.82 -8.42
C PRO D 102 -22.71 3.31 -8.91
N PHE D 103 -22.67 2.64 -10.07
CA PHE D 103 -21.43 2.16 -10.69
C PHE D 103 -20.69 1.13 -9.83
N THR D 104 -21.24 0.76 -8.68
CA THR D 104 -20.55 -0.14 -7.75
C THR D 104 -21.10 -1.54 -7.88
N ARG D 105 -20.22 -2.54 -7.82
CA ARG D 105 -20.67 -3.95 -7.98
C ARG D 105 -21.53 -4.33 -6.78
N ASP D 106 -21.06 -4.05 -5.57
CA ASP D 106 -21.77 -4.48 -4.34
C ASP D 106 -23.06 -3.71 -4.09
N CYS D 107 -24.08 -4.38 -3.55
CA CYS D 107 -25.33 -3.68 -3.15
C CYS D 107 -25.49 -3.96 -1.66
N PHE D 108 -25.58 -2.92 -0.84
CA PHE D 108 -25.60 -3.14 0.62
C PHE D 108 -26.91 -2.63 1.19
N ASP D 109 -27.50 -3.37 2.14
CA ASP D 109 -28.69 -2.87 2.88
C ASP D 109 -29.98 -2.89 2.04
N VAL D 110 -30.00 -3.60 0.92
CA VAL D 110 -31.27 -3.72 0.12
C VAL D 110 -32.34 -4.45 0.95
N THR D 111 -31.95 -5.45 1.75
CA THR D 111 -32.92 -6.25 2.55
C THR D 111 -32.93 -5.82 4.03
N SER D 112 -32.55 -4.56 4.32
CA SER D 112 -32.57 -4.04 5.67
C SER D 112 -33.99 -3.67 6.08
N THR D 113 -34.21 -3.62 7.39
CA THR D 113 -35.55 -3.39 7.92
C THR D 113 -36.10 -2.03 7.47
N THR D 114 -35.23 -1.02 7.50
CA THR D 114 -35.63 0.33 7.03
C THR D 114 -34.63 0.73 5.95
N TYR D 115 -34.94 0.44 4.68
CA TYR D 115 -34.04 0.84 3.58
C TYR D 115 -34.68 2.05 2.87
N ALA D 116 -33.90 3.11 2.69
CA ALA D 116 -34.48 4.36 2.13
C ALA D 116 -34.75 4.27 0.63
N TYR D 117 -34.13 3.32 -0.07
CA TYR D 117 -34.30 3.33 -1.52
C TYR D 117 -35.06 2.09 -2.00
N ARG D 118 -36.08 1.69 -1.25
CA ARG D 118 -36.87 0.51 -1.56
C ARG D 118 -38.33 0.91 -1.75
N GLY D 119 -39.01 0.24 -2.68
CA GLY D 119 -40.39 0.55 -2.97
C GLY D 119 -41.34 0.12 -1.87
N GLN D 120 -42.59 0.55 -2.02
CA GLN D 120 -43.62 0.22 -1.05
C GLN D 120 -44.09 -1.23 -1.15
N GLY D 121 -43.88 -1.87 -2.29
CA GLY D 121 -44.18 -3.27 -2.46
C GLY D 121 -45.59 -3.50 -3.00
N THR D 122 -45.78 -4.69 -3.57
CA THR D 122 -47.08 -5.13 -4.06
C THR D 122 -47.34 -6.53 -3.53
N GLN D 123 -48.58 -6.79 -3.13
CA GLN D 123 -48.90 -8.09 -2.54
C GLN D 123 -49.17 -9.11 -3.63
N VAL D 124 -48.54 -10.28 -3.52
CA VAL D 124 -48.78 -11.41 -4.40
C VAL D 124 -49.28 -12.56 -3.53
N THR D 125 -50.54 -12.94 -3.71
CA THR D 125 -51.17 -13.99 -2.92
C THR D 125 -51.44 -15.18 -3.82
N VAL D 126 -50.97 -16.35 -3.42
CA VAL D 126 -51.14 -17.56 -4.22
C VAL D 126 -51.99 -18.58 -3.46
N ALA E 1 36.28 -19.46 -6.09
CA ALA E 1 36.96 -18.22 -5.73
C ALA E 1 36.23 -17.01 -6.30
N VAL E 2 36.40 -15.86 -5.66
CA VAL E 2 35.77 -14.63 -6.15
C VAL E 2 36.38 -14.26 -7.50
N SER E 3 35.51 -13.96 -8.46
CA SER E 3 35.96 -13.82 -9.85
C SER E 3 36.85 -12.60 -10.04
N GLU E 4 36.42 -11.44 -9.53
CA GLU E 4 37.15 -10.21 -9.79
C GLU E 4 38.47 -10.16 -9.01
N HIS E 5 38.49 -10.66 -7.79
CA HIS E 5 39.75 -10.74 -7.06
C HIS E 5 40.72 -11.71 -7.73
N GLN E 6 40.20 -12.83 -8.24
CA GLN E 6 41.06 -13.77 -8.96
C GLN E 6 41.60 -13.14 -10.23
N LEU E 7 40.78 -12.37 -10.94
CA LEU E 7 41.28 -11.66 -12.12
C LEU E 7 42.33 -10.63 -11.73
N LEU E 8 42.15 -9.96 -10.60
CA LEU E 8 43.15 -9.01 -10.13
C LEU E 8 44.48 -9.70 -9.85
N HIS E 9 44.43 -10.84 -9.17
CA HIS E 9 45.65 -11.59 -8.89
C HIS E 9 46.31 -12.08 -10.18
N ASP E 10 45.51 -12.57 -11.12
CA ASP E 10 46.06 -13.04 -12.38
C ASP E 10 46.67 -11.91 -13.19
N LYS E 11 46.04 -10.73 -13.17
CA LYS E 11 46.60 -9.57 -13.86
C LYS E 11 47.93 -9.17 -13.25
N GLY E 12 48.01 -9.17 -11.91
CA GLY E 12 49.27 -8.85 -11.26
C GLY E 12 50.36 -9.84 -11.62
N LYS E 13 50.02 -11.14 -11.61
CA LYS E 13 51.00 -12.16 -11.98
C LYS E 13 51.43 -12.00 -13.44
N SER E 14 50.49 -11.69 -14.33
CA SER E 14 50.81 -11.50 -15.74
C SER E 14 51.76 -10.32 -15.93
N ILE E 15 51.48 -9.20 -15.26
CA ILE E 15 52.34 -8.03 -15.39
C ILE E 15 53.74 -8.34 -14.86
N GLN E 16 53.82 -9.01 -13.71
CA GLN E 16 55.11 -9.36 -13.12
C GLN E 16 55.91 -10.25 -14.06
N ASP E 17 55.28 -11.32 -14.57
CA ASP E 17 55.98 -12.24 -15.45
C ASP E 17 56.40 -11.56 -16.74
N LEU E 18 55.53 -10.70 -17.29
CA LEU E 18 55.87 -10.02 -18.54
C LEU E 18 57.04 -9.07 -18.35
N ARG E 19 57.08 -8.34 -17.24
CA ARG E 19 58.20 -7.45 -16.97
C ARG E 19 59.50 -8.25 -16.81
N ARG E 20 59.44 -9.35 -16.07
CA ARG E 20 60.63 -10.17 -15.90
C ARG E 20 61.11 -10.73 -17.23
N ARG E 21 60.19 -11.17 -18.08
CA ARG E 21 60.56 -11.73 -19.38
C ARG E 21 61.12 -10.66 -20.30
N GLU E 22 60.59 -9.43 -20.27
CA GLU E 22 61.17 -8.36 -21.07
C GLU E 22 62.59 -8.03 -20.60
N LEU E 23 62.81 -8.00 -19.28
CA LEU E 23 64.16 -7.74 -18.78
C LEU E 23 65.11 -8.85 -19.21
N LEU E 24 64.68 -10.11 -19.12
CA LEU E 24 65.51 -11.22 -19.55
C LEU E 24 65.81 -11.14 -21.05
N GLU E 25 64.80 -10.79 -21.85
CA GLU E 25 65.02 -10.65 -23.29
C GLU E 25 66.00 -9.54 -23.61
N LYS E 26 65.92 -8.42 -22.89
CA LYS E 26 66.89 -7.34 -23.08
C LYS E 26 68.29 -7.81 -22.73
N LEU E 27 68.45 -8.52 -21.61
CA LEU E 27 69.76 -9.02 -21.23
C LEU E 27 70.31 -9.98 -22.28
N LEU E 28 69.47 -10.86 -22.80
CA LEU E 28 69.89 -11.81 -23.81
C LEU E 28 70.30 -11.09 -25.10
N AIB E 29 69.44 -10.20 -25.58
CA AIB E 29 69.72 -9.38 -26.75
C AIB E 29 71.04 -8.61 -26.69
O AIB E 29 71.77 -8.41 -27.66
CB1 AIB E 29 69.75 -10.21 -28.05
CB2 AIB E 29 68.63 -8.30 -26.91
N LYS E 30 71.35 -8.16 -25.48
CA LYS E 30 72.64 -7.50 -25.24
C LYS E 30 73.78 -8.53 -25.24
N LEU E 31 73.50 -9.71 -24.71
CA LEU E 31 74.49 -10.78 -24.61
C LEU E 31 74.48 -11.71 -25.81
N HIS E 32 73.56 -11.54 -26.75
CA HIS E 32 73.48 -12.42 -27.91
C HIS E 32 72.75 -11.74 -29.07
N VAL F 35 55.16 -15.61 -5.53
CA VAL F 35 55.93 -15.90 -6.73
C VAL F 35 57.11 -14.94 -6.85
N MET F 36 58.13 -15.36 -7.59
CA MET F 36 59.32 -14.53 -7.77
C MET F 36 58.98 -13.27 -8.56
N THR F 37 59.50 -12.13 -8.11
CA THR F 37 59.25 -10.84 -8.73
C THR F 37 60.46 -10.40 -9.56
N LYS F 38 60.25 -9.30 -10.30
CA LYS F 38 61.35 -8.71 -11.04
C LYS F 38 62.45 -8.20 -10.11
N GLU F 39 62.06 -7.56 -9.02
CA GLU F 39 63.05 -7.13 -8.02
C GLU F 39 63.75 -8.33 -7.39
N GLU F 40 63.01 -9.40 -7.13
CA GLU F 40 63.63 -10.61 -6.62
C GLU F 40 64.61 -11.21 -7.61
N GLN F 41 64.28 -11.19 -8.90
CA GLN F 41 65.20 -11.66 -9.92
C GLN F 41 66.46 -10.80 -9.95
N ILE F 42 66.31 -9.48 -9.83
CA ILE F 42 67.48 -8.60 -9.80
C ILE F 42 68.35 -8.88 -8.59
N PHE F 43 67.73 -9.08 -7.43
CA PHE F 43 68.49 -9.39 -6.21
C PHE F 43 69.23 -10.71 -6.34
N LEU F 44 68.57 -11.73 -6.89
CA LEU F 44 69.24 -13.02 -7.10
C LEU F 44 70.37 -12.89 -8.09
N LEU F 45 70.20 -12.09 -9.14
CA LEU F 45 71.28 -11.85 -10.09
C LEU F 45 72.46 -11.16 -9.41
N HIS F 46 72.18 -10.19 -8.53
CA HIS F 46 73.25 -9.52 -7.79
C HIS F 46 73.99 -10.50 -6.89
N ARG F 47 73.25 -11.39 -6.22
CA ARG F 47 73.88 -12.40 -5.37
C ARG F 47 74.75 -13.34 -6.20
N ALA F 48 74.27 -13.75 -7.37
CA ALA F 48 75.05 -14.62 -8.25
C ALA F 48 76.31 -13.91 -8.74
N GLN F 49 76.19 -12.62 -9.06
CA GLN F 49 77.36 -11.84 -9.47
C GLN F 49 78.38 -11.75 -8.35
N ALA F 50 77.92 -11.53 -7.12
CA ALA F 50 78.83 -11.49 -5.98
C ALA F 50 79.52 -12.84 -5.78
N GLN F 51 78.77 -13.94 -5.93
CA GLN F 51 79.36 -15.27 -5.80
C GLN F 51 80.41 -15.51 -6.88
N CYS F 52 80.12 -15.10 -8.12
CA CYS F 52 81.08 -15.26 -9.20
C CYS F 52 82.33 -14.41 -8.96
N GLU F 53 82.16 -13.19 -8.44
CA GLU F 53 83.32 -12.36 -8.12
C GLU F 53 84.16 -12.99 -7.03
N LYS F 54 83.51 -13.56 -6.00
CA LYS F 54 84.25 -14.25 -4.96
C LYS F 54 85.00 -15.46 -5.50
N ARG F 55 84.36 -16.21 -6.41
CA ARG F 55 85.04 -17.35 -7.04
C ARG F 55 86.24 -16.90 -7.86
N LEU F 56 86.10 -15.79 -8.58
CA LEU F 56 87.22 -15.25 -9.34
C LEU F 56 88.36 -14.83 -8.42
N LYS F 57 88.02 -14.22 -7.28
CA LYS F 57 89.05 -13.82 -6.32
C LYS F 57 89.80 -15.04 -5.78
N GLU F 58 89.08 -16.11 -5.49
CA GLU F 58 89.69 -17.33 -4.99
C GLU F 58 90.23 -18.18 -6.14
N GLY F 109 95.96 -25.15 -26.03
CA GLY F 109 96.65 -25.63 -24.86
C GLY F 109 96.48 -24.76 -23.63
N ARG F 110 96.03 -23.52 -23.86
CA ARG F 110 95.80 -22.58 -22.77
C ARG F 110 94.31 -22.48 -22.49
N PRO F 111 93.83 -22.94 -21.33
CA PRO F 111 92.41 -22.84 -21.03
C PRO F 111 91.97 -21.39 -20.86
N CYS F 112 90.71 -21.14 -21.19
CA CYS F 112 90.16 -19.79 -21.05
C CYS F 112 89.94 -19.45 -19.58
N LEU F 113 90.25 -18.21 -19.23
CA LEU F 113 90.05 -17.76 -17.85
C LEU F 113 88.56 -17.64 -17.55
N PRO F 114 88.16 -17.87 -16.30
CA PRO F 114 86.75 -17.73 -15.94
C PRO F 114 86.27 -16.29 -16.14
N GLU F 115 85.00 -16.17 -16.53
CA GLU F 115 84.42 -14.86 -16.83
C GLU F 115 82.97 -14.83 -16.38
N TRP F 116 82.46 -13.62 -16.17
CA TRP F 116 81.09 -13.37 -15.77
C TRP F 116 80.37 -12.63 -16.89
N ASP F 117 79.25 -13.20 -17.35
CA ASP F 117 78.49 -12.63 -18.45
C ASP F 117 77.10 -12.17 -18.01
N HIS F 118 76.94 -11.74 -16.77
CA HIS F 118 75.71 -11.23 -16.18
C HIS F 118 74.60 -12.28 -16.13
N ILE F 119 74.87 -13.54 -16.46
CA ILE F 119 73.87 -14.59 -16.35
C ILE F 119 74.43 -15.75 -15.53
N LEU F 120 75.56 -16.30 -15.96
CA LEU F 120 76.17 -17.45 -15.31
C LEU F 120 77.67 -17.25 -15.21
N CYS F 121 78.26 -17.85 -14.18
CA CYS F 121 79.70 -17.80 -13.95
C CYS F 121 80.35 -18.97 -14.67
N TRP F 122 81.15 -18.67 -15.69
CA TRP F 122 81.75 -19.72 -16.51
C TRP F 122 83.08 -20.17 -15.92
N PRO F 123 83.27 -21.49 -15.78
CA PRO F 123 84.56 -21.99 -15.29
C PRO F 123 85.62 -22.00 -16.38
N LEU F 124 86.80 -22.55 -16.06
CA LEU F 124 87.89 -22.61 -17.02
C LEU F 124 87.50 -23.49 -18.22
N GLY F 125 87.34 -22.87 -19.38
CA GLY F 125 86.94 -23.61 -20.57
C GLY F 125 88.11 -24.36 -21.17
N ALA F 126 87.82 -25.54 -21.73
CA ALA F 126 88.85 -26.33 -22.38
C ALA F 126 89.34 -25.64 -23.65
N PRO F 127 90.63 -25.73 -23.95
CA PRO F 127 91.15 -25.09 -25.16
C PRO F 127 90.64 -25.78 -26.41
N GLY F 128 90.05 -24.99 -27.31
CA GLY F 128 89.55 -25.52 -28.55
C GLY F 128 88.34 -26.43 -28.42
N GLU F 129 87.58 -26.30 -27.32
CA GLU F 129 86.41 -27.12 -27.09
C GLU F 129 85.24 -26.24 -26.67
N VAL F 130 84.03 -26.72 -26.95
CA VAL F 130 82.81 -25.99 -26.62
C VAL F 130 82.37 -26.37 -25.22
N VAL F 131 82.19 -25.37 -24.36
CA VAL F 131 81.78 -25.57 -22.98
C VAL F 131 80.28 -25.36 -22.89
N ALA F 132 79.56 -26.38 -22.43
CA ALA F 132 78.12 -26.33 -22.23
C ALA F 132 77.83 -26.34 -20.73
N VAL F 133 77.06 -25.36 -20.28
CA VAL F 133 76.73 -25.19 -18.87
C VAL F 133 75.22 -25.26 -18.73
N PRO F 134 74.69 -25.98 -17.74
CA PRO F 134 73.23 -26.00 -17.54
C PRO F 134 72.70 -24.60 -17.23
N CYS F 135 71.47 -24.35 -17.64
CA CYS F 135 70.86 -23.06 -17.39
C CYS F 135 70.74 -22.83 -15.88
N PRO F 136 71.00 -21.61 -15.40
CA PRO F 136 71.00 -21.37 -13.96
C PRO F 136 69.66 -21.67 -13.32
N ASP F 137 69.70 -22.22 -12.11
CA ASP F 137 68.47 -22.58 -11.41
C ASP F 137 67.77 -21.35 -10.84
N TYR F 138 68.53 -20.32 -10.48
CA TYR F 138 67.94 -19.14 -9.86
C TYR F 138 67.14 -18.28 -10.84
N ILE F 139 67.27 -18.53 -12.14
CA ILE F 139 66.49 -17.80 -13.13
C ILE F 139 65.13 -18.49 -13.29
N TYR F 140 64.05 -17.73 -13.15
CA TYR F 140 62.72 -18.32 -13.19
C TYR F 140 62.33 -18.74 -14.60
N ASP F 141 62.75 -17.99 -15.62
CA ASP F 141 62.26 -18.19 -16.97
C ASP F 141 63.13 -19.13 -17.81
N PHE F 142 64.25 -19.63 -17.26
CA PHE F 142 65.09 -20.57 -17.99
C PHE F 142 64.64 -22.00 -17.75
N ASN F 143 64.67 -22.79 -18.82
CA ASN F 143 64.44 -24.24 -18.74
C ASN F 143 65.67 -24.89 -18.12
N HIS F 144 65.53 -25.35 -16.88
CA HIS F 144 66.68 -25.85 -16.13
C HIS F 144 67.33 -27.07 -16.77
N LYS F 145 66.61 -27.78 -17.64
CA LYS F 145 67.15 -28.95 -18.31
C LYS F 145 67.96 -28.61 -19.56
N GLY F 146 67.93 -27.36 -20.01
CA GLY F 146 68.68 -26.96 -21.18
C GLY F 146 70.13 -26.65 -20.87
N HIS F 147 70.88 -26.36 -21.93
CA HIS F 147 72.30 -26.06 -21.82
C HIS F 147 72.64 -24.85 -22.67
N ALA F 148 73.46 -23.96 -22.13
CA ALA F 148 74.00 -22.82 -22.86
C ALA F 148 75.45 -23.11 -23.26
N TYR F 149 75.78 -22.79 -24.50
CA TYR F 149 77.06 -23.17 -25.09
C TYR F 149 77.93 -21.94 -25.32
N ARG F 150 79.23 -22.08 -25.06
CA ARG F 150 80.20 -21.04 -25.36
C ARG F 150 81.44 -21.71 -25.98
N ARG F 151 82.15 -20.93 -26.79
CA ARG F 151 83.34 -21.40 -27.48
C ARG F 151 84.58 -20.79 -26.87
N CYS F 152 85.56 -21.65 -26.58
CA CYS F 152 86.83 -21.23 -26.00
C CYS F 152 87.96 -21.61 -26.94
N ASP F 153 88.83 -20.66 -27.25
CA ASP F 153 89.93 -20.89 -28.17
C ASP F 153 91.11 -21.54 -27.43
N ARG F 154 92.16 -21.87 -28.19
CA ARG F 154 93.34 -22.50 -27.64
C ARG F 154 94.33 -21.52 -27.05
N ASN F 155 94.11 -20.21 -27.24
CA ASN F 155 95.01 -19.19 -26.72
C ASN F 155 94.58 -18.65 -25.37
N GLY F 156 93.54 -19.22 -24.76
CA GLY F 156 93.03 -18.75 -23.50
C GLY F 156 92.05 -17.61 -23.58
N SER F 157 91.68 -17.18 -24.79
CA SER F 157 90.74 -16.09 -24.99
C SER F 157 89.43 -16.66 -25.50
N TRP F 158 88.31 -16.23 -24.90
CA TRP F 158 87.01 -16.70 -25.32
C TRP F 158 86.75 -16.29 -26.77
N GLU F 159 86.28 -17.25 -27.57
CA GLU F 159 86.02 -16.98 -28.98
C GLU F 159 84.85 -16.00 -29.13
N LEU F 160 85.03 -15.05 -30.03
CA LEU F 160 84.03 -14.03 -30.32
C LEU F 160 83.23 -14.45 -31.55
N VAL F 161 82.05 -13.83 -31.70
CA VAL F 161 81.22 -14.12 -32.87
C VAL F 161 81.95 -13.68 -34.14
N PRO F 162 81.94 -14.48 -35.21
CA PRO F 162 82.64 -14.07 -36.43
C PRO F 162 82.10 -12.76 -36.97
N GLY F 163 83.01 -11.91 -37.44
CA GLY F 163 82.64 -10.61 -37.98
C GLY F 163 82.29 -9.58 -36.93
N HIS F 164 82.55 -9.84 -35.65
CA HIS F 164 82.23 -8.91 -34.59
C HIS F 164 83.12 -9.18 -33.40
N ASN F 165 83.19 -8.20 -32.49
CA ASN F 165 83.96 -8.33 -31.27
C ASN F 165 83.16 -8.93 -30.12
N ARG F 166 81.85 -9.13 -30.29
CA ARG F 166 81.03 -9.71 -29.23
C ARG F 166 81.36 -11.19 -29.07
N THR F 167 81.40 -11.63 -27.82
CA THR F 167 81.74 -13.02 -27.52
C THR F 167 80.66 -13.96 -28.03
N TRP F 168 81.07 -15.08 -28.61
CA TRP F 168 80.14 -16.07 -29.14
C TRP F 168 79.47 -16.83 -28.01
N ALA F 169 78.18 -17.06 -28.15
CA ALA F 169 77.39 -17.77 -27.13
C ALA F 169 76.12 -18.30 -27.78
N ASN F 170 75.45 -19.18 -27.04
CA ASN F 170 74.20 -19.78 -27.52
C ASN F 170 73.33 -20.09 -26.30
N TYR F 171 72.38 -19.18 -26.02
CA TYR F 171 71.45 -19.34 -24.92
C TYR F 171 70.06 -19.79 -25.37
N SER F 172 69.93 -20.29 -26.60
CA SER F 172 68.62 -20.64 -27.13
C SER F 172 67.95 -21.76 -26.35
N GLU F 173 68.71 -22.78 -25.94
CA GLU F 173 68.12 -23.93 -25.26
C GLU F 173 67.43 -23.52 -23.96
N CYS F 174 67.97 -22.51 -23.27
CA CYS F 174 67.35 -22.05 -22.03
C CYS F 174 66.06 -21.27 -22.26
N VAL F 175 65.79 -20.83 -23.48
CA VAL F 175 64.62 -20.01 -23.75
C VAL F 175 63.69 -20.67 -24.77
N LYS F 176 63.65 -22.00 -24.80
CA LYS F 176 62.73 -22.69 -25.69
C LYS F 176 61.30 -22.66 -25.17
N PHE F 177 61.09 -22.28 -23.91
CA PHE F 177 59.77 -22.29 -23.30
C PHE F 177 59.15 -20.90 -23.21
N LEU F 178 59.72 -19.90 -23.87
CA LEU F 178 59.19 -18.54 -23.84
C LEU F 178 58.41 -18.27 -25.11
N THR F 179 57.22 -17.71 -24.95
CA THR F 179 56.33 -17.40 -26.06
C THR F 179 55.77 -16.01 -25.87
N ASN F 180 55.38 -15.37 -26.99
CA ASN F 180 54.82 -14.02 -26.94
C ASN F 180 53.60 -13.96 -26.02
N GLU F 181 52.68 -14.90 -26.20
CA GLU F 181 51.49 -15.01 -25.34
C GLU F 181 50.70 -13.70 -25.30
N THR F 182 50.56 -13.06 -26.46
CA THR F 182 49.79 -11.84 -26.54
C THR F 182 48.29 -12.09 -26.48
N ARG F 183 47.85 -13.32 -26.77
CA ARG F 183 46.43 -13.64 -26.65
C ARG F 183 45.96 -13.52 -25.21
N GLU F 184 46.83 -13.81 -24.25
CA GLU F 184 46.47 -13.63 -22.85
C GLU F 184 46.20 -12.15 -22.54
N ARG F 185 47.05 -11.26 -23.03
CA ARG F 185 46.81 -9.83 -22.82
C ARG F 185 45.57 -9.37 -23.57
N GLU F 186 45.31 -9.92 -24.76
CA GLU F 186 44.09 -9.58 -25.47
C GLU F 186 42.86 -10.00 -24.68
N VAL F 187 42.90 -11.19 -24.08
CA VAL F 187 41.79 -11.66 -23.26
C VAL F 187 41.61 -10.75 -22.05
N PHE F 188 42.71 -10.36 -21.41
CA PHE F 188 42.63 -9.45 -20.27
C PHE F 188 42.00 -8.13 -20.67
N ASP F 189 42.39 -7.60 -21.84
CA ASP F 189 41.79 -6.35 -22.31
C ASP F 189 40.31 -6.53 -22.60
N ARG F 190 39.92 -7.68 -23.15
CA ARG F 190 38.51 -7.92 -23.44
C ARG F 190 37.68 -7.94 -22.15
N LEU F 191 38.16 -8.65 -21.13
CA LEU F 191 37.51 -8.57 -19.82
C LEU F 191 37.44 -7.14 -19.31
N GLY F 192 38.56 -6.41 -19.38
CA GLY F 192 38.56 -5.04 -18.88
C GLY F 192 37.50 -4.20 -19.56
N MET F 193 37.43 -4.29 -20.89
CA MET F 193 36.45 -3.51 -21.63
C MET F 193 35.02 -3.91 -21.26
N ILE F 194 34.75 -5.21 -21.18
CA ILE F 194 33.37 -5.64 -20.96
C ILE F 194 32.89 -5.22 -19.57
N TYR F 195 33.71 -5.45 -18.53
CA TYR F 195 33.19 -5.03 -17.23
C TYR F 195 33.26 -3.53 -17.04
N THR F 196 34.15 -2.82 -17.75
CA THR F 196 34.12 -1.36 -17.72
C THR F 196 32.78 -0.85 -18.24
N VAL F 197 32.37 -1.32 -19.42
CA VAL F 197 31.11 -0.86 -20.00
C VAL F 197 29.94 -1.25 -19.09
N GLY F 198 29.94 -2.50 -18.63
CA GLY F 198 28.83 -2.97 -17.81
C GLY F 198 28.70 -2.21 -16.50
N TYR F 199 29.83 -1.98 -15.82
CA TYR F 199 29.80 -1.26 -14.56
C TYR F 199 29.47 0.20 -14.76
N SER F 200 29.87 0.80 -15.89
CA SER F 200 29.47 2.18 -16.17
C SER F 200 27.97 2.27 -16.33
N VAL F 201 27.37 1.35 -17.10
CA VAL F 201 25.93 1.36 -17.29
C VAL F 201 25.21 1.12 -15.96
N SER F 202 25.70 0.17 -15.17
CA SER F 202 25.09 -0.10 -13.87
C SER F 202 25.18 1.11 -12.95
N LEU F 203 26.33 1.78 -12.93
CA LEU F 203 26.49 2.95 -12.07
C LEU F 203 25.55 4.08 -12.48
N ALA F 204 25.43 4.34 -13.78
CA ALA F 204 24.52 5.37 -14.24
C ALA F 204 23.07 5.05 -13.87
N SER F 205 22.65 3.81 -14.15
CA SER F 205 21.28 3.41 -13.85
C SER F 205 21.00 3.48 -12.35
N LEU F 206 21.96 3.06 -11.53
CA LEU F 206 21.76 3.08 -10.09
C LEU F 206 21.76 4.50 -9.54
N THR F 207 22.56 5.39 -10.13
CA THR F 207 22.48 6.81 -9.75
C THR F 207 21.10 7.36 -10.01
N VAL F 208 20.57 7.10 -11.21
CA VAL F 208 19.22 7.59 -11.54
C VAL F 208 18.19 6.98 -10.60
N ALA F 209 18.31 5.67 -10.34
CA ALA F 209 17.34 4.98 -9.49
C ALA F 209 17.36 5.53 -8.07
N VAL F 210 18.55 5.73 -7.50
CA VAL F 210 18.64 6.19 -6.12
C VAL F 210 18.19 7.64 -6.03
N LEU F 211 18.44 8.44 -7.06
CA LEU F 211 17.92 9.81 -7.07
C LEU F 211 16.39 9.80 -7.07
N ILE F 212 15.78 8.95 -7.90
CA ILE F 212 14.32 8.86 -7.94
C ILE F 212 13.77 8.39 -6.60
N LEU F 213 14.42 7.39 -6.00
CA LEU F 213 13.95 6.86 -4.71
C LEU F 213 14.06 7.91 -3.60
N ALA F 214 15.16 8.67 -3.56
CA ALA F 214 15.36 9.63 -2.49
C ALA F 214 14.51 10.88 -2.68
N TYR F 215 14.21 11.25 -3.91
CA TYR F 215 13.44 12.48 -4.15
C TYR F 215 12.02 12.36 -3.61
N PHE F 216 11.41 11.19 -3.72
CA PHE F 216 10.00 11.01 -3.37
C PHE F 216 9.87 10.53 -1.93
N ARG F 217 9.10 11.27 -1.13
CA ARG F 217 8.97 10.97 0.29
C ARG F 217 8.05 9.79 0.57
N ARG F 218 7.01 9.59 -0.25
CA ARG F 218 6.08 8.48 0.01
C ARG F 218 6.79 7.14 -0.18
N LEU F 219 7.73 7.07 -1.12
CA LEU F 219 8.50 5.85 -1.33
C LEU F 219 9.37 5.48 -0.15
N HIS F 220 9.57 6.38 0.81
CA HIS F 220 10.43 6.10 1.95
C HIS F 220 9.88 4.95 2.77
N CYS F 221 10.51 3.79 2.67
CA CYS F 221 10.10 2.60 3.39
C CYS F 221 11.35 1.82 3.78
N THR F 222 11.20 0.94 4.77
CA THR F 222 12.35 0.15 5.21
C THR F 222 12.86 -0.74 4.07
N ARG F 223 11.95 -1.33 3.30
CA ARG F 223 12.36 -2.04 2.10
C ARG F 223 13.11 -1.11 1.16
N ASN F 224 12.57 0.08 0.95
CA ASN F 224 13.24 1.04 0.06
C ASN F 224 14.53 1.57 0.65
N TYR F 225 14.61 1.68 1.98
CA TYR F 225 15.87 2.09 2.61
C TYR F 225 16.96 1.03 2.39
N ILE F 226 16.61 -0.24 2.57
CA ILE F 226 17.59 -1.30 2.35
C ILE F 226 17.96 -1.37 0.86
N HIS F 227 16.99 -1.15 -0.01
CA HIS F 227 17.37 -1.08 -1.43
C HIS F 227 18.41 0.04 -1.51
N MET F 228 18.06 1.25 -1.11
CA MET F 228 18.98 2.36 -1.28
C MET F 228 20.39 1.98 -0.83
N HIS F 229 20.48 1.28 0.30
CA HIS F 229 21.79 0.83 0.76
C HIS F 229 22.44 -0.14 -0.24
N LEU F 230 21.64 -1.04 -0.80
CA LEU F 230 22.16 -1.95 -1.83
C LEU F 230 22.66 -1.17 -3.04
N PHE F 231 21.89 -0.17 -3.47
CA PHE F 231 22.29 0.65 -4.61
C PHE F 231 23.59 1.38 -4.31
N LEU F 232 23.73 1.90 -3.09
CA LEU F 232 24.94 2.59 -2.70
C LEU F 232 26.13 1.64 -2.70
N SER F 233 25.94 0.41 -2.21
CA SER F 233 27.03 -0.57 -2.24
C SER F 233 27.43 -0.89 -3.68
N PHE F 234 26.45 -1.04 -4.57
CA PHE F 234 26.76 -1.30 -5.98
C PHE F 234 27.53 -0.14 -6.59
N MET F 235 27.10 1.09 -6.32
CA MET F 235 27.79 2.27 -6.84
C MET F 235 29.22 2.35 -6.33
N LEU F 236 29.42 2.11 -5.03
CA LEU F 236 30.76 2.16 -4.46
C LEU F 236 31.65 1.09 -5.07
N ARG F 237 31.11 -0.12 -5.26
CA ARG F 237 31.89 -1.19 -5.88
C ARG F 237 32.31 -0.79 -7.30
N ALA F 238 31.37 -0.26 -8.08
CA ALA F 238 31.70 0.13 -9.46
C ALA F 238 32.74 1.23 -9.49
N VAL F 239 32.54 2.29 -8.70
CA VAL F 239 33.48 3.41 -8.74
C VAL F 239 34.85 2.99 -8.21
N SER F 240 34.88 2.06 -7.24
CA SER F 240 36.16 1.61 -6.71
C SER F 240 36.90 0.77 -7.74
N ILE F 241 36.17 -0.06 -8.49
CA ILE F 241 36.81 -0.80 -9.58
C ILE F 241 37.36 0.16 -10.62
N PHE F 242 36.61 1.23 -10.93
CA PHE F 242 37.12 2.22 -11.88
C PHE F 242 38.38 2.91 -11.36
N VAL F 243 38.39 3.29 -10.08
CA VAL F 243 39.56 3.93 -9.50
C VAL F 243 40.76 2.99 -9.54
N LYS F 244 40.55 1.73 -9.19
CA LYS F 244 41.63 0.74 -9.23
C LYS F 244 42.16 0.57 -10.65
N ASP F 245 41.26 0.46 -11.63
CA ASP F 245 41.70 0.32 -13.02
C ASP F 245 42.42 1.57 -13.50
N ALA F 246 42.14 2.73 -12.92
CA ALA F 246 42.87 3.95 -13.30
C ALA F 246 44.27 3.97 -12.68
N VAL F 247 44.36 3.70 -11.38
CA VAL F 247 45.63 3.90 -10.68
C VAL F 247 46.53 2.66 -10.80
N LEU F 248 45.96 1.47 -10.66
CA LEU F 248 46.78 0.26 -10.58
C LEU F 248 47.32 -0.17 -11.94
N TYR F 249 46.58 0.08 -13.01
CA TYR F 249 46.95 -0.38 -14.35
C TYR F 249 47.14 0.81 -15.27
N SER F 250 47.85 1.83 -14.79
CA SER F 250 48.12 3.02 -15.58
C SER F 250 49.24 2.75 -16.59
N GLY F 281 55.15 0.38 -5.06
CA GLY F 281 54.62 -0.17 -3.82
C GLY F 281 54.23 0.89 -2.81
N TYR F 282 53.80 2.05 -3.32
CA TYR F 282 53.41 3.15 -2.45
C TYR F 282 51.99 2.95 -1.94
N ALA F 283 51.61 3.77 -0.96
CA ALA F 283 50.29 3.65 -0.34
C ALA F 283 49.16 4.00 -1.31
N GLY F 284 49.43 4.81 -2.33
CA GLY F 284 48.40 5.20 -3.27
C GLY F 284 47.82 4.04 -4.05
N CYS F 285 48.54 2.91 -4.11
CA CYS F 285 48.06 1.68 -4.70
C CYS F 285 47.40 0.76 -3.69
N ARG F 286 47.99 0.63 -2.50
CA ARG F 286 47.44 -0.23 -1.47
C ARG F 286 46.07 0.26 -1.01
N VAL F 287 45.90 1.58 -0.89
CA VAL F 287 44.61 2.11 -0.44
C VAL F 287 43.54 1.86 -1.50
N ALA F 288 43.90 1.98 -2.77
CA ALA F 288 42.94 1.70 -3.85
C ALA F 288 42.54 0.24 -3.84
N VAL F 289 43.51 -0.66 -3.69
CA VAL F 289 43.19 -2.09 -3.65
C VAL F 289 42.32 -2.41 -2.45
N THR F 290 42.64 -1.81 -1.30
CA THR F 290 41.86 -2.07 -0.09
C THR F 290 40.42 -1.60 -0.24
N PHE F 291 40.22 -0.40 -0.81
CA PHE F 291 38.87 0.06 -1.06
C PHE F 291 38.15 -0.84 -2.05
N PHE F 292 38.84 -1.29 -3.11
CA PHE F 292 38.21 -2.18 -4.08
C PHE F 292 37.71 -3.45 -3.39
N LEU F 293 38.57 -4.10 -2.60
CA LEU F 293 38.19 -5.33 -1.94
C LEU F 293 37.08 -5.10 -0.92
N TYR F 294 37.19 -4.04 -0.12
CA TYR F 294 36.17 -3.77 0.89
C TYR F 294 34.81 -3.52 0.25
N PHE F 295 34.78 -2.73 -0.82
CA PHE F 295 33.51 -2.43 -1.45
C PHE F 295 32.94 -3.64 -2.16
N LEU F 296 33.81 -4.47 -2.74
CA LEU F 296 33.35 -5.74 -3.36
C LEU F 296 32.63 -6.54 -2.29
N ALA F 297 33.26 -6.73 -1.14
CA ALA F 297 32.68 -7.52 -0.03
C ALA F 297 31.41 -6.89 0.55
N THR F 298 31.34 -5.56 0.66
CA THR F 298 30.09 -4.90 1.14
C THR F 298 28.97 -5.09 0.13
N ASN F 299 29.26 -5.06 -1.18
CA ASN F 299 28.21 -5.33 -2.15
C ASN F 299 27.70 -6.76 -2.03
N TYR F 300 28.60 -7.73 -1.88
CA TYR F 300 28.19 -9.11 -1.67
C TYR F 300 27.31 -9.23 -0.44
N TYR F 301 27.75 -8.61 0.67
CA TYR F 301 27.01 -8.76 1.92
C TYR F 301 25.71 -7.96 1.92
N TRP F 302 25.58 -6.93 1.10
CA TRP F 302 24.31 -6.22 1.05
C TRP F 302 23.32 -6.93 0.13
N ILE F 303 23.81 -7.66 -0.87
CA ILE F 303 22.94 -8.63 -1.54
C ILE F 303 22.46 -9.69 -0.54
N LEU F 304 23.38 -10.15 0.31
CA LEU F 304 22.99 -11.06 1.38
C LEU F 304 21.97 -10.43 2.33
N VAL F 305 22.10 -9.13 2.61
CA VAL F 305 21.14 -8.45 3.47
C VAL F 305 19.78 -8.34 2.78
N GLU F 306 19.77 -8.11 1.47
CA GLU F 306 18.53 -8.17 0.70
C GLU F 306 17.83 -9.51 0.93
N GLY F 307 18.57 -10.59 0.72
CA GLY F 307 17.99 -11.91 0.91
C GLY F 307 17.51 -12.14 2.32
N LEU F 308 18.31 -11.77 3.30
CA LEU F 308 17.96 -11.99 4.71
C LEU F 308 16.73 -11.19 5.10
N TYR F 309 16.63 -9.94 4.65
CA TYR F 309 15.48 -9.11 4.99
C TYR F 309 14.21 -9.66 4.39
N LEU F 310 14.26 -10.07 3.11
CA LEU F 310 13.07 -10.66 2.50
C LEU F 310 12.67 -11.96 3.20
N HIS F 311 13.66 -12.80 3.54
CA HIS F 311 13.38 -14.06 4.22
C HIS F 311 12.78 -13.81 5.60
N SER F 312 13.27 -12.79 6.32
CA SER F 312 12.72 -12.48 7.63
C SER F 312 11.32 -11.91 7.52
N LEU F 313 11.05 -11.11 6.48
CA LEU F 313 9.69 -10.62 6.26
C LEU F 313 8.74 -11.78 6.03
N ILE F 314 9.17 -12.76 5.23
CA ILE F 314 8.28 -13.89 4.90
C ILE F 314 8.09 -14.80 6.11
N PHE F 315 9.16 -15.12 6.83
CA PHE F 315 9.11 -16.11 7.89
C PHE F 315 8.96 -15.51 9.28
N MET F 316 8.95 -14.18 9.41
CA MET F 316 8.71 -13.51 10.68
C MET F 316 7.73 -12.37 10.47
N ALA F 317 6.58 -12.68 9.85
CA ALA F 317 5.63 -11.65 9.44
C ALA F 317 5.22 -10.77 10.61
N PHE F 318 5.23 -11.30 11.83
CA PHE F 318 4.98 -10.52 13.04
C PHE F 318 6.31 -10.05 13.65
N PHE F 319 7.07 -9.31 12.83
CA PHE F 319 8.43 -8.93 13.19
C PHE F 319 8.45 -7.68 14.07
N SER F 320 9.66 -7.28 14.45
CA SER F 320 9.90 -6.04 15.18
C SER F 320 10.99 -5.29 14.42
N GLU F 321 10.61 -4.17 13.81
CA GLU F 321 11.52 -3.46 12.91
C GLU F 321 12.74 -2.91 13.66
N LYS F 322 12.54 -2.38 14.85
CA LYS F 322 13.62 -1.69 15.55
C LYS F 322 14.77 -2.62 15.88
N LYS F 323 14.48 -3.90 16.11
CA LYS F 323 15.50 -4.84 16.52
C LYS F 323 16.32 -5.39 15.36
N TYR F 324 15.99 -5.05 14.12
CA TYR F 324 16.70 -5.66 13.00
C TYR F 324 17.26 -4.66 11.99
N LEU F 325 16.57 -3.54 11.75
CA LEU F 325 17.00 -2.64 10.69
C LEU F 325 18.39 -2.07 10.96
N TRP F 326 18.60 -1.51 12.15
CA TRP F 326 19.93 -1.03 12.51
C TRP F 326 20.93 -2.18 12.54
N GLY F 327 20.53 -3.33 13.09
CA GLY F 327 21.40 -4.48 13.09
C GLY F 327 21.78 -4.93 11.69
N PHE F 328 20.79 -4.99 10.79
CA PHE F 328 21.08 -5.38 9.42
C PHE F 328 22.01 -4.39 8.76
N THR F 329 21.78 -3.09 8.97
CA THR F 329 22.64 -2.07 8.36
C THR F 329 24.08 -2.18 8.84
N VAL F 330 24.27 -2.26 10.17
CA VAL F 330 25.61 -2.32 10.71
C VAL F 330 26.29 -3.62 10.29
N PHE F 331 25.54 -4.73 10.25
CA PHE F 331 26.09 -5.98 9.75
C PHE F 331 26.59 -5.83 8.34
N GLY F 332 25.69 -5.44 7.42
CA GLY F 332 26.05 -5.40 6.01
C GLY F 332 27.17 -4.45 5.70
N TRP F 333 27.25 -3.33 6.43
CA TRP F 333 28.30 -2.36 6.12
C TRP F 333 29.58 -2.58 6.93
N GLY F 334 29.51 -3.36 8.02
CA GLY F 334 30.66 -3.46 8.93
C GLY F 334 31.29 -4.83 9.08
N LEU F 335 30.52 -5.92 8.97
CA LEU F 335 31.18 -7.25 9.00
C LEU F 335 32.16 -7.33 7.80
N PRO F 336 31.83 -6.81 6.58
CA PRO F 336 32.81 -6.76 5.49
C PRO F 336 34.05 -5.96 5.90
N ALA F 337 33.89 -4.88 6.67
CA ALA F 337 35.06 -4.13 7.18
C ALA F 337 35.92 -5.02 8.08
N VAL F 338 35.31 -5.85 8.92
CA VAL F 338 36.12 -6.63 9.89
C VAL F 338 37.09 -7.55 9.14
N PHE F 339 36.61 -8.32 8.16
CA PHE F 339 37.53 -9.28 7.48
C PHE F 339 38.57 -8.54 6.63
N VAL F 340 38.18 -7.44 5.98
CA VAL F 340 39.16 -6.64 5.18
C VAL F 340 40.22 -6.06 6.13
N ALA F 341 39.82 -5.56 7.30
CA ALA F 341 40.79 -5.02 8.28
C ALA F 341 41.73 -6.14 8.76
N VAL F 342 41.18 -7.33 9.02
CA VAL F 342 42.03 -8.49 9.42
C VAL F 342 42.99 -8.81 8.27
N TRP F 343 42.48 -8.77 7.03
CA TRP F 343 43.35 -9.05 5.85
C TRP F 343 44.45 -7.98 5.75
N VAL F 344 44.10 -6.71 5.91
CA VAL F 344 45.10 -5.62 5.73
C VAL F 344 46.22 -5.85 6.75
N SER F 345 45.83 -6.14 8.00
CA SER F 345 46.83 -6.32 9.05
C SER F 345 47.75 -7.49 8.73
N VAL F 346 47.18 -8.60 8.27
CA VAL F 346 48.00 -9.77 7.94
C VAL F 346 48.92 -9.47 6.76
N ARG F 347 48.42 -8.73 5.76
CA ARG F 347 49.23 -8.37 4.61
C ARG F 347 50.39 -7.47 5.01
N ALA F 348 50.12 -6.49 5.88
CA ALA F 348 51.19 -5.60 6.35
C ALA F 348 52.16 -6.30 7.28
N THR F 349 51.73 -7.38 7.94
CA THR F 349 52.61 -8.09 8.85
C THR F 349 53.51 -9.09 8.12
N LEU F 350 52.93 -9.89 7.23
CA LEU F 350 53.64 -11.02 6.65
C LEU F 350 54.03 -10.85 5.18
N ALA F 351 53.34 -9.99 4.43
CA ALA F 351 53.69 -9.77 3.03
C ALA F 351 54.22 -8.37 2.78
N ASN F 352 53.42 -7.34 3.05
CA ASN F 352 53.80 -5.93 2.96
C ASN F 352 54.71 -5.65 1.76
N THR F 353 54.39 -6.22 0.61
CA THR F 353 55.27 -6.15 -0.56
C THR F 353 54.54 -5.49 -1.73
N GLY F 354 55.16 -4.46 -2.30
CA GLY F 354 54.66 -3.77 -3.47
C GLY F 354 53.20 -3.42 -3.42
N CYS F 355 52.54 -3.47 -4.57
CA CYS F 355 51.09 -3.35 -4.61
C CYS F 355 50.45 -4.60 -4.00
N TRP F 356 49.32 -4.39 -3.32
CA TRP F 356 48.65 -5.47 -2.62
C TRP F 356 47.77 -6.32 -3.51
N ASP F 357 47.93 -6.22 -4.84
CA ASP F 357 47.14 -7.02 -5.78
C ASP F 357 47.85 -8.28 -6.23
N LEU F 358 48.74 -8.82 -5.40
CA LEU F 358 49.47 -10.05 -5.71
C LEU F 358 49.18 -11.07 -4.62
N SER F 359 48.98 -12.33 -5.03
CA SER F 359 48.65 -13.38 -4.08
C SER F 359 49.81 -13.61 -3.12
N SER F 360 49.46 -13.97 -1.89
CA SER F 360 50.44 -14.25 -0.84
C SER F 360 50.15 -15.58 -0.15
N GLY F 361 49.61 -16.54 -0.89
CA GLY F 361 49.27 -17.83 -0.31
C GLY F 361 47.81 -17.90 0.07
N ASN F 362 47.54 -18.45 1.26
CA ASN F 362 46.17 -18.59 1.74
C ASN F 362 45.59 -17.27 2.24
N LYS F 363 46.40 -16.22 2.33
CA LYS F 363 45.93 -14.97 2.94
C LYS F 363 44.77 -14.38 2.18
N LYS F 364 44.73 -14.55 0.85
CA LYS F 364 43.62 -14.04 0.07
C LYS F 364 42.29 -14.66 0.51
N TRP F 365 42.34 -15.88 1.03
CA TRP F 365 41.10 -16.53 1.53
C TRP F 365 40.52 -15.75 2.72
N ILE F 366 41.28 -14.85 3.34
CA ILE F 366 40.68 -14.02 4.42
C ILE F 366 39.58 -13.11 3.85
N ILE F 367 39.84 -12.42 2.73
CA ILE F 367 38.76 -11.64 2.07
C ILE F 367 37.76 -12.55 1.36
N GLN F 368 38.25 -13.54 0.60
CA GLN F 368 37.38 -14.41 -0.24
C GLN F 368 36.48 -15.38 0.53
N VAL F 369 36.97 -16.07 1.57
CA VAL F 369 36.12 -17.12 2.23
C VAL F 369 34.86 -16.51 2.84
N PRO F 370 34.89 -15.35 3.55
CA PRO F 370 33.66 -14.72 4.02
C PRO F 370 32.73 -14.30 2.87
N ILE F 371 33.29 -13.78 1.78
CA ILE F 371 32.46 -13.40 0.59
C ILE F 371 31.77 -14.66 0.08
N LEU F 372 32.46 -15.80 0.06
CA LEU F 372 31.85 -17.03 -0.45
C LEU F 372 30.81 -17.57 0.52
N ALA F 373 31.02 -17.37 1.82
CA ALA F 373 30.04 -17.80 2.81
C ALA F 373 28.69 -17.15 2.56
N SER F 374 28.66 -15.93 2.04
CA SER F 374 27.39 -15.32 1.67
C SER F 374 26.83 -15.93 0.40
N ILE F 375 27.71 -16.20 -0.58
CA ILE F 375 27.27 -16.67 -1.89
C ILE F 375 26.49 -17.97 -1.76
N VAL F 376 26.97 -18.88 -0.92
CA VAL F 376 26.21 -20.09 -0.64
C VAL F 376 24.89 -19.75 0.04
N LEU F 377 24.95 -18.94 1.10
CA LEU F 377 23.76 -18.68 1.90
C LEU F 377 22.66 -18.02 1.06
N ASN F 378 23.02 -16.98 0.31
CA ASN F 378 22.05 -16.31 -0.53
C ASN F 378 21.49 -17.22 -1.62
N PHE F 379 22.17 -18.31 -1.96
CA PHE F 379 21.53 -19.27 -2.85
C PHE F 379 20.37 -19.97 -2.15
N ILE F 380 20.61 -20.46 -0.94
CA ILE F 380 19.55 -21.13 -0.19
C ILE F 380 18.39 -20.19 0.05
N LEU F 381 18.68 -19.00 0.61
CA LEU F 381 17.65 -18.00 0.83
C LEU F 381 16.91 -17.66 -0.45
N PHE F 382 17.48 -17.96 -1.61
CA PHE F 382 16.72 -17.79 -2.84
C PHE F 382 15.70 -18.91 -2.99
N ILE F 383 16.17 -20.16 -3.10
CA ILE F 383 15.29 -21.26 -3.47
C ILE F 383 14.17 -21.42 -2.45
N ASN F 384 14.52 -21.32 -1.16
CA ASN F 384 13.54 -21.42 -0.10
C ASN F 384 12.39 -20.44 -0.36
N ILE F 385 12.72 -19.17 -0.60
CA ILE F 385 11.67 -18.18 -0.84
C ILE F 385 10.87 -18.56 -2.07
N VAL F 386 11.56 -18.99 -3.14
CA VAL F 386 10.86 -19.44 -4.33
C VAL F 386 9.93 -20.58 -4.00
N ARG F 387 10.40 -21.53 -3.19
CA ARG F 387 9.54 -22.62 -2.75
C ARG F 387 8.29 -22.07 -2.08
N VAL F 388 8.47 -21.10 -1.18
CA VAL F 388 7.33 -20.48 -0.52
C VAL F 388 6.40 -19.87 -1.55
N LEU F 389 6.96 -19.20 -2.55
CA LEU F 389 6.13 -18.62 -3.61
C LEU F 389 5.27 -19.70 -4.25
N ALA F 390 5.84 -20.88 -4.51
CA ALA F 390 5.07 -21.97 -5.07
C ALA F 390 3.86 -22.27 -4.20
N THR F 391 4.07 -22.38 -2.88
CA THR F 391 2.96 -22.59 -1.97
C THR F 391 1.94 -21.47 -2.08
N LYS F 392 2.42 -20.22 -2.13
CA LYS F 392 1.51 -19.08 -2.26
C LYS F 392 0.77 -19.14 -3.58
N LEU F 393 1.38 -19.72 -4.61
CA LEU F 393 0.69 -19.88 -5.88
C LEU F 393 -0.09 -21.18 -5.95
N ARG F 394 0.14 -22.12 -5.02
CA ARG F 394 -0.52 -23.41 -5.05
C ARG F 394 -1.80 -23.42 -4.22
N GLU F 395 -1.81 -22.73 -3.09
CA GLU F 395 -3.00 -22.67 -2.24
C GLU F 395 -4.04 -21.67 -2.74
N THR F 396 -3.87 -21.07 -3.91
CA THR F 396 -4.89 -20.19 -4.47
C THR F 396 -5.10 -20.47 -5.94
N THR F 403 -3.07 -25.61 -12.53
CA THR F 403 -2.95 -24.86 -13.77
C THR F 403 -1.50 -24.55 -14.07
N ARG F 404 -1.19 -24.36 -15.36
CA ARG F 404 0.16 -23.97 -15.76
C ARG F 404 0.42 -22.50 -15.51
N GLN F 405 -0.63 -21.70 -15.27
CA GLN F 405 -0.43 -20.27 -15.03
C GLN F 405 0.26 -20.01 -13.71
N GLN F 406 0.01 -20.84 -12.69
CA GLN F 406 0.74 -20.70 -11.44
C GLN F 406 2.22 -20.97 -11.66
N TYR F 407 2.56 -21.95 -12.50
CA TYR F 407 3.96 -22.22 -12.79
C TYR F 407 4.58 -21.10 -13.61
N ARG F 408 3.82 -20.49 -14.51
CA ARG F 408 4.32 -19.32 -15.23
C ARG F 408 4.61 -18.17 -14.27
N LYS F 409 3.71 -17.93 -13.32
CA LYS F 409 3.94 -16.89 -12.32
C LYS F 409 5.15 -17.20 -11.46
N LEU F 410 5.33 -18.47 -11.08
CA LEU F 410 6.49 -18.86 -10.30
C LEU F 410 7.78 -18.64 -11.08
N LEU F 411 7.78 -18.98 -12.37
CA LEU F 411 8.96 -18.75 -13.19
C LEU F 411 9.26 -17.26 -13.32
N LYS F 412 8.24 -16.44 -13.53
CA LYS F 412 8.44 -15.00 -13.63
C LYS F 412 9.01 -14.45 -12.33
N SER F 413 8.47 -14.89 -11.19
CA SER F 413 8.99 -14.44 -9.90
C SER F 413 10.43 -14.86 -9.69
N THR F 414 10.77 -16.09 -10.09
CA THR F 414 12.15 -16.55 -9.97
C THR F 414 13.09 -15.71 -10.84
N LEU F 415 12.68 -15.41 -12.07
CA LEU F 415 13.51 -14.58 -12.95
C LEU F 415 13.70 -13.19 -12.38
N VAL F 416 12.63 -12.60 -11.85
CA VAL F 416 12.73 -11.27 -11.23
C VAL F 416 13.55 -11.29 -9.96
N LEU F 417 13.55 -12.39 -9.21
CA LEU F 417 14.21 -12.48 -7.92
C LEU F 417 15.67 -12.90 -8.01
N MET F 418 16.09 -13.51 -9.12
CA MET F 418 17.49 -13.91 -9.22
C MET F 418 18.49 -12.74 -9.19
N PRO F 419 18.29 -11.61 -9.89
CA PRO F 419 19.31 -10.55 -9.82
C PRO F 419 19.50 -9.97 -8.43
N LEU F 420 18.43 -9.91 -7.63
CA LEU F 420 18.55 -9.35 -6.28
C LEU F 420 19.33 -10.27 -5.36
N PHE F 421 19.24 -11.59 -5.58
CA PHE F 421 19.88 -12.56 -4.70
C PHE F 421 21.26 -12.97 -5.18
N GLY F 422 21.69 -12.53 -6.35
CA GLY F 422 23.01 -12.88 -6.86
C GLY F 422 23.17 -14.38 -7.07
N VAL F 423 22.20 -15.00 -7.75
CA VAL F 423 22.22 -16.44 -7.91
C VAL F 423 23.36 -16.88 -8.83
N HIS F 424 23.68 -16.08 -9.85
CA HIS F 424 24.64 -16.51 -10.87
C HIS F 424 26.01 -16.81 -10.27
N TYR F 425 26.33 -16.22 -9.11
CA TYR F 425 27.58 -16.52 -8.45
C TYR F 425 27.73 -18.01 -8.19
N ILE F 426 26.65 -18.67 -7.78
CA ILE F 426 26.71 -20.09 -7.45
C ILE F 426 27.11 -20.92 -8.66
N VAL F 427 26.99 -20.37 -9.87
CA VAL F 427 27.41 -21.09 -11.06
C VAL F 427 28.90 -21.35 -11.02
N PHE F 428 29.68 -20.33 -10.61
CA PHE F 428 31.13 -20.42 -10.61
C PHE F 428 31.73 -20.17 -9.23
N MET F 429 30.94 -20.38 -8.17
CA MET F 429 31.43 -20.14 -6.82
C MET F 429 32.56 -21.08 -6.45
N ALA F 430 32.45 -22.36 -6.81
CA ALA F 430 33.34 -23.40 -6.33
C ALA F 430 34.42 -23.78 -7.34
N THR F 431 34.95 -22.82 -8.09
CA THR F 431 36.04 -23.10 -9.02
C THR F 431 37.34 -22.53 -8.47
N PRO F 432 38.29 -23.38 -8.03
CA PRO F 432 39.57 -22.87 -7.53
C PRO F 432 40.34 -22.05 -8.56
N TYR F 433 41.47 -21.50 -8.12
CA TYR F 433 42.34 -20.73 -9.00
C TYR F 433 42.86 -21.59 -10.15
N THR F 434 42.45 -21.27 -11.37
CA THR F 434 42.76 -22.08 -12.54
C THR F 434 43.72 -21.35 -13.47
N GLU F 435 44.25 -22.10 -14.45
CA GLU F 435 45.18 -21.55 -15.41
C GLU F 435 44.48 -20.59 -16.35
N VAL F 436 45.15 -19.47 -16.66
CA VAL F 436 44.51 -18.38 -17.39
C VAL F 436 44.09 -18.82 -18.79
N SER F 437 44.99 -19.53 -19.49
CA SER F 437 44.72 -19.89 -20.87
C SER F 437 43.68 -20.99 -21.02
N GLY F 438 43.26 -21.62 -19.92
CA GLY F 438 42.30 -22.69 -20.01
C GLY F 438 40.93 -22.23 -20.46
N THR F 439 40.18 -23.16 -21.06
CA THR F 439 38.82 -22.84 -21.50
C THR F 439 37.92 -22.53 -20.31
N LEU F 440 38.09 -23.27 -19.21
CA LEU F 440 37.30 -23.01 -18.00
C LEU F 440 37.52 -21.59 -17.51
N TRP F 441 38.77 -21.14 -17.50
CA TRP F 441 39.05 -19.78 -17.04
C TRP F 441 38.40 -18.74 -17.94
N GLN F 442 38.49 -18.92 -19.26
CA GLN F 442 37.92 -17.93 -20.16
C GLN F 442 36.40 -17.86 -20.02
N VAL F 443 35.74 -19.02 -19.99
CA VAL F 443 34.28 -19.00 -19.88
C VAL F 443 33.86 -18.45 -18.52
N GLN F 444 34.56 -18.83 -17.46
CA GLN F 444 34.23 -18.33 -16.13
C GLN F 444 34.40 -16.82 -16.07
N MET F 445 35.49 -16.31 -16.62
CA MET F 445 35.74 -14.87 -16.59
C MET F 445 34.71 -14.11 -17.41
N HIS F 446 34.44 -14.56 -18.64
CA HIS F 446 33.45 -13.88 -19.46
C HIS F 446 32.09 -13.84 -18.77
N TYR F 447 31.62 -15.02 -18.31
CA TYR F 447 30.31 -15.09 -17.67
C TYR F 447 30.25 -14.23 -16.42
N GLU F 448 31.23 -14.41 -15.52
CA GLU F 448 31.21 -13.73 -14.24
C GLU F 448 31.29 -12.22 -14.44
N MET F 449 32.21 -11.75 -15.29
CA MET F 449 32.34 -10.30 -15.46
C MET F 449 31.10 -9.71 -16.11
N LEU F 450 30.54 -10.40 -17.11
CA LEU F 450 29.36 -9.87 -17.78
C LEU F 450 28.21 -9.72 -16.79
N PHE F 451 27.87 -10.77 -16.05
CA PHE F 451 26.73 -10.66 -15.16
C PHE F 451 27.03 -9.83 -13.92
N ASN F 452 28.27 -9.83 -13.43
CA ASN F 452 28.61 -8.98 -12.30
C ASN F 452 28.49 -7.51 -12.67
N SER F 453 28.89 -7.16 -13.89
CA SER F 453 28.78 -5.77 -14.31
C SER F 453 27.33 -5.39 -14.58
N PHE F 454 26.53 -6.32 -15.12
CA PHE F 454 25.15 -6.00 -15.46
C PHE F 454 24.18 -6.19 -14.30
N GLN F 455 24.61 -6.76 -13.18
CA GLN F 455 23.67 -7.06 -12.10
C GLN F 455 23.13 -5.79 -11.44
N GLY F 456 23.97 -4.78 -11.26
CA GLY F 456 23.49 -3.53 -10.71
C GLY F 456 22.46 -2.87 -11.61
N PHE F 457 22.72 -2.87 -12.91
CA PHE F 457 21.77 -2.31 -13.87
C PHE F 457 20.47 -3.10 -13.87
N PHE F 458 20.57 -4.43 -13.80
CA PHE F 458 19.37 -5.27 -13.75
C PHE F 458 18.54 -4.97 -12.51
N VAL F 459 19.20 -4.84 -11.36
CA VAL F 459 18.50 -4.53 -10.11
C VAL F 459 17.84 -3.16 -10.20
N ALA F 460 18.56 -2.17 -10.75
CA ALA F 460 18.01 -0.83 -10.88
C ALA F 460 16.78 -0.82 -11.78
N ILE F 461 16.81 -1.59 -12.87
CA ILE F 461 15.65 -1.64 -13.76
C ILE F 461 14.49 -2.36 -13.10
N ILE F 462 14.77 -3.50 -12.45
CA ILE F 462 13.69 -4.34 -11.94
C ILE F 462 13.02 -3.69 -10.73
N TYR F 463 13.81 -3.27 -9.74
CA TYR F 463 13.25 -2.83 -8.47
C TYR F 463 13.01 -1.33 -8.38
N CYS F 464 13.45 -0.56 -9.37
CA CYS F 464 13.13 0.87 -9.39
C CYS F 464 12.37 1.29 -10.64
N PHE F 465 12.89 0.99 -11.83
CA PHE F 465 12.32 1.57 -13.05
C PHE F 465 10.96 0.95 -13.40
N CYS F 466 10.86 -0.37 -13.34
CA CYS F 466 9.61 -1.05 -13.69
C CYS F 466 8.75 -1.35 -12.48
N ASN F 467 9.15 -0.90 -11.29
CA ASN F 467 8.31 -1.06 -10.11
C ASN F 467 7.01 -0.28 -10.29
N GLY F 468 5.92 -0.87 -9.81
CA GLY F 468 4.62 -0.22 -9.97
C GLY F 468 4.51 1.08 -9.18
N GLU F 469 4.97 1.06 -7.93
CA GLU F 469 4.88 2.26 -7.10
C GLU F 469 5.71 3.40 -7.67
N VAL F 470 6.93 3.10 -8.11
CA VAL F 470 7.81 4.15 -8.63
C VAL F 470 7.26 4.69 -9.95
N GLN F 471 6.72 3.81 -10.79
CA GLN F 471 6.12 4.27 -12.04
C GLN F 471 4.90 5.16 -11.77
N ALA F 472 4.08 4.79 -10.78
CA ALA F 472 2.95 5.62 -10.41
C ALA F 472 3.41 6.98 -9.89
N GLU F 473 4.46 7.00 -9.07
CA GLU F 473 5.01 8.25 -8.58
C GLU F 473 5.52 9.13 -9.72
N ILE F 474 6.24 8.54 -10.67
CA ILE F 474 6.78 9.31 -11.78
C ILE F 474 5.66 9.86 -12.64
N LYS F 475 4.64 9.03 -12.92
CA LYS F 475 3.51 9.50 -13.73
C LYS F 475 2.76 10.62 -13.02
N LYS F 476 2.54 10.49 -11.72
CA LYS F 476 1.84 11.53 -10.97
C LYS F 476 2.64 12.83 -10.96
N SER F 477 3.95 12.73 -10.73
CA SER F 477 4.78 13.93 -10.71
C SER F 477 4.80 14.60 -12.07
N TRP F 478 4.90 13.82 -13.15
CA TRP F 478 4.90 14.38 -14.48
C TRP F 478 3.56 15.03 -14.81
N SER F 479 2.46 14.42 -14.39
CA SER F 479 1.13 14.97 -14.66
C SER F 479 0.92 16.29 -13.91
N ARG F 480 1.21 16.29 -12.60
CA ARG F 480 0.99 17.50 -11.81
C ARG F 480 1.96 18.62 -12.21
N TRP F 481 3.20 18.27 -12.56
CA TRP F 481 4.15 19.29 -12.99
C TRP F 481 3.71 19.95 -14.29
N THR F 482 3.19 19.17 -15.24
CA THR F 482 2.74 19.71 -16.51
C THR F 482 1.40 20.45 -16.35
#